data_8BNX
#
_entry.id   8BNX
#
_cell.length_a   143.797
_cell.length_b   151.376
_cell.length_c   51.857
_cell.angle_alpha   90.000
_cell.angle_beta   90.000
_cell.angle_gamma   90.000
#
_symmetry.space_group_name_H-M   'P 21 21 2'
#
loop_
_entity.id
_entity.type
_entity.pdbx_description
1 polymer 'AAA family ATPase'
2 non-polymer 'PHOSPHOAMINOPHOSPHONIC ACID-ADENYLATE ESTER'
#
_entity_poly.entity_id   1
_entity_poly.type   'polypeptide(L)'
_entity_poly.pdbx_seq_one_letter_code
;MKLALNTEFKKAIDLATNSSKNLFITGKAGTGKSTFLKYLINELLFDAVVLAPTGVAAINIGGETIHSFFNFPINITPDK
IPDLFIYDYEIYKYVNTIIIDEISMVRADLLDCIDLFLKRVKNPKLPFGGTKMIFIGDLYQLPPVLTNHQKKAFNMEYES
PYFFSAKVFKEMDMEFIEFETIYRQSDKLFIDILNRIRNNTVTDEDIKIINSRVQDKIDNDDGYIYITTVNKKAEEINNQ
KLDKLKGKLYKLNGTLKGNFDENSLPTPKNLHLKIGAQVMLLNNAPDRMWVNGTIGTITNIFPDEMIIELALENGNIVEI
TPFKWDMIKFTYDKKEKKMLSETIGSYTQFPLKLAYAITVHKSQGKTFHKVIIDTSRHFFAPGQFYVALSRCTSLDGIIL
TKKITKNSIILDKKVVNFLTNFQYQLSEKKTPLEEKISILKRAIERNSPLEIVYLKTKDEKSKRVIIPKEVGEMVYSGKS
FMGLKGFCTMRNDERVFRIDRILEIKEIND
;
_entity_poly.pdbx_strand_id   A,B
#
loop_
_chem_comp.id
_chem_comp.type
_chem_comp.name
_chem_comp.formula
ANP non-polymer 'PHOSPHOAMINOPHOSPHONIC ACID-ADENYLATE ESTER' 'C10 H17 N6 O12 P3'
#
# COMPACT_ATOMS: atom_id res chain seq x y z
N LYS A 2 -14.06 -16.00 0.36
CA LYS A 2 -14.37 -14.65 0.83
C LYS A 2 -13.32 -13.65 0.35
N LEU A 3 -12.52 -14.06 -0.63
CA LEU A 3 -11.40 -13.27 -1.08
C LEU A 3 -11.51 -13.00 -2.58
N ALA A 4 -10.84 -11.94 -3.01
CA ALA A 4 -10.82 -11.56 -4.42
C ALA A 4 -9.87 -12.44 -5.20
N LEU A 5 -10.22 -12.69 -6.47
CA LEU A 5 -9.43 -13.54 -7.36
C LEU A 5 -8.70 -12.63 -8.35
N ASN A 6 -7.43 -12.36 -8.06
CA ASN A 6 -6.59 -11.52 -8.92
C ASN A 6 -6.46 -12.14 -10.31
N THR A 7 -6.14 -11.29 -11.29
CA THR A 7 -5.95 -11.76 -12.66
C THR A 7 -4.78 -12.73 -12.74
N GLU A 8 -3.74 -12.53 -11.93
CA GLU A 8 -2.67 -13.50 -11.81
C GLU A 8 -3.01 -14.64 -10.85
N PHE A 9 -4.05 -14.46 -10.03
CA PHE A 9 -4.51 -15.56 -9.17
C PHE A 9 -5.24 -16.61 -10.00
N LYS A 10 -6.09 -16.18 -10.93
CA LYS A 10 -6.82 -17.11 -11.79
C LYS A 10 -5.90 -17.81 -12.78
N LYS A 11 -4.81 -17.14 -13.18
CA LYS A 11 -3.83 -17.77 -14.05
C LYS A 11 -3.10 -18.89 -13.33
N ALA A 12 -2.81 -18.70 -12.04
CA ALA A 12 -2.08 -19.72 -11.28
C ALA A 12 -2.97 -20.90 -10.91
N ILE A 13 -4.25 -20.67 -10.61
CA ILE A 13 -5.11 -21.80 -10.24
C ILE A 13 -5.45 -22.65 -11.46
N ASP A 14 -5.44 -22.04 -12.65
CA ASP A 14 -5.72 -22.81 -13.87
C ASP A 14 -4.54 -23.72 -14.20
N LEU A 15 -3.32 -23.17 -14.18
CA LEU A 15 -2.13 -23.93 -14.53
C LEU A 15 -1.80 -24.99 -13.48
N ALA A 16 -2.39 -24.92 -12.30
CA ALA A 16 -2.12 -25.87 -11.23
C ALA A 16 -3.26 -26.85 -10.99
N THR A 17 -4.51 -26.43 -11.17
CA THR A 17 -5.63 -27.32 -10.92
C THR A 17 -6.16 -28.01 -12.17
N ASN A 18 -6.02 -27.41 -13.36
CA ASN A 18 -6.49 -28.08 -14.56
C ASN A 18 -5.38 -28.49 -15.51
N SER A 19 -4.51 -27.58 -15.92
CA SER A 19 -3.32 -27.93 -16.71
C SER A 19 -2.11 -28.15 -15.81
N SER A 20 -2.23 -29.09 -14.88
CA SER A 20 -1.25 -29.21 -13.80
C SER A 20 0.07 -29.74 -14.35
N LYS A 21 1.08 -28.86 -14.43
CA LYS A 21 2.42 -29.27 -14.86
C LYS A 21 3.44 -28.30 -14.27
N ASN A 22 4.21 -28.73 -13.27
CA ASN A 22 5.49 -28.07 -12.96
C ASN A 22 5.45 -26.53 -12.81
N LEU A 23 4.71 -26.02 -11.83
CA LEU A 23 4.54 -24.58 -11.70
C LEU A 23 5.28 -24.05 -10.48
N PHE A 24 5.61 -22.74 -10.55
CA PHE A 24 6.42 -22.04 -9.55
C PHE A 24 5.77 -20.71 -9.22
N ILE A 25 5.10 -20.61 -8.07
CA ILE A 25 4.54 -19.35 -7.61
C ILE A 25 5.62 -18.57 -6.85
N THR A 26 5.77 -17.29 -7.19
CA THR A 26 6.73 -16.42 -6.53
C THR A 26 6.13 -15.02 -6.43
N GLY A 27 6.92 -14.08 -5.94
CA GLY A 27 6.47 -12.70 -5.80
C GLY A 27 7.30 -11.97 -4.75
N LYS A 28 6.64 -11.02 -4.08
CA LYS A 28 7.21 -10.27 -2.98
C LYS A 28 6.53 -10.64 -1.67
N ALA A 29 7.07 -10.12 -0.57
CA ALA A 29 6.60 -10.49 0.76
C ALA A 29 5.20 -9.96 1.01
N GLY A 30 4.22 -10.85 0.99
CA GLY A 30 2.84 -10.49 1.27
C GLY A 30 1.94 -10.34 0.06
N THR A 31 2.30 -10.94 -1.08
CA THR A 31 1.57 -10.74 -2.33
C THR A 31 0.42 -11.71 -2.53
N GLY A 32 0.16 -12.62 -1.58
CA GLY A 32 -0.95 -13.55 -1.72
C GLY A 32 -0.57 -15.01 -1.88
N LYS A 33 0.71 -15.36 -1.75
CA LYS A 33 1.13 -16.74 -1.97
C LYS A 33 0.61 -17.68 -0.90
N SER A 34 0.47 -17.20 0.35
CA SER A 34 -0.01 -18.07 1.42
C SER A 34 -1.51 -18.35 1.28
N THR A 35 -2.30 -17.31 0.99
CA THR A 35 -3.73 -17.51 0.81
C THR A 35 -4.04 -18.30 -0.45
N PHE A 36 -3.18 -18.19 -1.47
CA PHE A 36 -3.34 -19.00 -2.67
C PHE A 36 -3.17 -20.48 -2.37
N LEU A 37 -2.19 -20.82 -1.52
CA LEU A 37 -2.01 -22.21 -1.09
C LEU A 37 -3.10 -22.65 -0.14
N LYS A 38 -3.58 -21.73 0.72
CA LYS A 38 -4.69 -22.06 1.61
C LYS A 38 -5.96 -22.33 0.81
N TYR A 39 -6.17 -21.56 -0.26
CA TYR A 39 -7.35 -21.74 -1.11
C TYR A 39 -7.29 -23.02 -1.92
N LEU A 40 -6.08 -23.53 -2.20
CA LEU A 40 -5.97 -24.77 -2.95
C LEU A 40 -6.37 -25.98 -2.12
N ILE A 41 -5.75 -26.15 -0.95
CA ILE A 41 -5.99 -27.34 -0.14
C ILE A 41 -7.44 -27.38 0.34
N ASN A 42 -7.85 -26.35 1.08
CA ASN A 42 -9.21 -26.26 1.59
C ASN A 42 -9.97 -25.17 0.85
N GLU A 43 -11.30 -25.23 0.97
CA GLU A 43 -12.22 -24.38 0.22
C GLU A 43 -12.09 -24.59 -1.29
N LEU A 44 -11.65 -25.79 -1.67
CA LEU A 44 -11.50 -26.17 -3.07
C LEU A 44 -11.24 -27.67 -3.12
N LEU A 45 -11.73 -28.32 -4.16
CA LEU A 45 -11.54 -29.76 -4.34
C LEU A 45 -10.11 -30.01 -4.78
N PHE A 46 -9.27 -30.42 -3.83
CA PHE A 46 -7.87 -30.71 -4.15
C PHE A 46 -7.34 -31.74 -3.17
N ASP A 47 -6.38 -32.54 -3.64
CA ASP A 47 -5.66 -33.48 -2.79
C ASP A 47 -4.21 -33.52 -3.26
N ALA A 48 -3.29 -33.23 -2.35
CA ALA A 48 -1.86 -33.25 -2.65
C ALA A 48 -1.10 -33.11 -1.35
N VAL A 49 0.10 -33.68 -1.32
CA VAL A 49 0.98 -33.49 -0.18
C VAL A 49 1.60 -32.08 -0.25
N VAL A 50 1.83 -31.49 0.91
CA VAL A 50 2.47 -30.19 1.02
C VAL A 50 3.62 -30.31 2.02
N LEU A 51 4.80 -29.88 1.59
CA LEU A 51 6.01 -30.00 2.39
C LEU A 51 6.60 -28.62 2.68
N ALA A 52 7.41 -28.56 3.73
CA ALA A 52 8.12 -27.35 4.13
C ALA A 52 9.51 -27.73 4.59
N PRO A 53 10.48 -26.82 4.48
CA PRO A 53 11.86 -27.17 4.86
C PRO A 53 12.04 -27.48 6.34
N THR A 54 11.48 -26.62 7.20
CA THR A 54 11.63 -26.77 8.65
C THR A 54 10.32 -27.19 9.27
N GLY A 55 10.41 -27.68 10.51
CA GLY A 55 9.22 -28.12 11.21
C GLY A 55 8.28 -26.99 11.56
N VAL A 56 8.83 -25.83 11.96
CA VAL A 56 8.00 -24.69 12.32
C VAL A 56 7.27 -24.16 11.09
N ALA A 57 7.92 -24.20 9.93
CA ALA A 57 7.26 -23.79 8.69
C ALA A 57 6.09 -24.71 8.34
N ALA A 58 6.27 -26.01 8.57
CA ALA A 58 5.22 -26.96 8.22
C ALA A 58 4.01 -26.85 9.16
N ILE A 59 4.25 -26.46 10.41
CA ILE A 59 3.15 -26.29 11.35
C ILE A 59 2.24 -25.14 10.94
N ASN A 60 2.84 -24.05 10.45
CA ASN A 60 2.05 -22.90 10.03
C ASN A 60 1.15 -23.23 8.83
N ILE A 61 1.68 -24.00 7.86
CA ILE A 61 0.94 -24.29 6.65
C ILE A 61 0.16 -25.61 6.75
N GLY A 62 0.22 -26.30 7.87
CA GLY A 62 -0.48 -27.55 8.00
C GLY A 62 0.07 -28.68 7.15
N GLY A 63 1.38 -28.68 6.90
CA GLY A 63 2.01 -29.77 6.20
C GLY A 63 3.00 -30.51 7.08
N GLU A 64 3.99 -31.16 6.48
CA GLU A 64 5.02 -31.84 7.25
C GLU A 64 6.38 -31.60 6.60
N THR A 65 7.43 -31.83 7.40
CA THR A 65 8.79 -31.57 6.95
C THR A 65 9.13 -32.39 5.72
N ILE A 66 10.03 -31.87 4.89
CA ILE A 66 10.55 -32.62 3.75
C ILE A 66 11.26 -33.88 4.24
N HIS A 67 12.08 -33.74 5.28
CA HIS A 67 12.82 -34.89 5.81
C HIS A 67 11.88 -35.90 6.44
N SER A 68 10.83 -35.42 7.11
CA SER A 68 9.88 -36.32 7.76
C SER A 68 9.10 -37.13 6.73
N PHE A 69 8.72 -36.52 5.61
CA PHE A 69 7.92 -37.21 4.61
C PHE A 69 8.71 -38.31 3.92
N PHE A 70 9.95 -38.02 3.53
CA PHE A 70 10.78 -38.98 2.81
C PHE A 70 11.65 -39.83 3.73
N ASN A 71 11.49 -39.70 5.05
CA ASN A 71 12.29 -40.43 6.03
C ASN A 71 13.77 -40.14 5.88
N PHE A 72 14.11 -38.96 5.36
CA PHE A 72 15.51 -38.58 5.19
C PHE A 72 16.18 -38.40 6.55
N PRO A 73 17.41 -38.89 6.71
CA PRO A 73 18.21 -38.51 7.88
C PRO A 73 18.71 -37.09 7.74
N ILE A 74 19.17 -36.54 8.88
CA ILE A 74 19.67 -35.16 8.88
C ILE A 74 20.87 -35.02 7.94
N ASN A 75 21.74 -36.03 7.91
CA ASN A 75 22.99 -35.98 7.14
C ASN A 75 22.81 -36.38 5.68
N ILE A 76 21.58 -36.38 5.17
CA ILE A 76 21.32 -36.89 3.84
C ILE A 76 21.99 -36.00 2.79
N THR A 77 22.61 -36.64 1.81
CA THR A 77 23.24 -36.00 0.67
C THR A 77 22.81 -36.74 -0.59
N PRO A 78 22.82 -36.07 -1.75
CA PRO A 78 22.34 -36.74 -2.97
C PRO A 78 23.13 -37.98 -3.35
N ASP A 79 24.34 -38.15 -2.80
CA ASP A 79 25.12 -39.36 -3.06
C ASP A 79 24.69 -40.55 -2.21
N LYS A 80 24.01 -40.30 -1.09
CA LYS A 80 23.51 -41.36 -0.23
C LYS A 80 22.13 -41.85 -0.64
N ILE A 81 21.49 -41.19 -1.60
CA ILE A 81 20.16 -41.62 -2.06
C ILE A 81 20.18 -43.03 -2.64
N PRO A 82 21.07 -43.38 -3.57
CA PRO A 82 21.02 -44.76 -4.12
C PRO A 82 21.24 -45.83 -3.06
N ASP A 83 22.17 -45.62 -2.13
CA ASP A 83 22.38 -46.57 -1.04
C ASP A 83 21.52 -46.22 0.17
N LEU A 84 20.21 -46.10 -0.08
CA LEU A 84 19.23 -45.78 0.95
C LEU A 84 18.06 -46.74 0.81
N PHE A 85 17.90 -47.63 1.78
CA PHE A 85 16.90 -48.68 1.69
C PHE A 85 15.50 -48.11 1.88
N ILE A 86 14.67 -48.24 0.85
CA ILE A 86 13.32 -47.68 0.84
C ILE A 86 12.34 -48.75 1.30
N TYR A 87 11.77 -48.54 2.48
CA TYR A 87 10.62 -49.32 2.93
C TYR A 87 9.34 -48.52 2.68
N ASP A 88 8.22 -49.24 2.67
CA ASP A 88 6.92 -48.67 2.29
C ASP A 88 6.98 -48.08 0.88
N TYR A 89 7.56 -48.85 -0.05
CA TYR A 89 7.75 -48.39 -1.41
C TYR A 89 6.45 -48.24 -2.17
N GLU A 90 5.42 -49.02 -1.81
CA GLU A 90 4.17 -48.99 -2.58
C GLU A 90 3.45 -47.66 -2.42
N ILE A 91 3.63 -46.99 -1.28
CA ILE A 91 2.82 -45.80 -1.00
C ILE A 91 3.20 -44.64 -1.90
N TYR A 92 4.48 -44.55 -2.30
CA TYR A 92 4.93 -43.40 -3.09
C TYR A 92 4.36 -43.37 -4.49
N LYS A 93 3.90 -44.51 -5.02
CA LYS A 93 3.29 -44.48 -6.34
C LYS A 93 1.90 -43.86 -6.34
N TYR A 94 1.36 -43.51 -5.17
CA TYR A 94 0.05 -42.88 -5.08
C TYR A 94 0.11 -41.35 -4.97
N VAL A 95 1.27 -40.77 -4.70
CA VAL A 95 1.36 -39.33 -4.48
C VAL A 95 1.65 -38.61 -5.79
N ASN A 96 0.82 -37.63 -6.11
CA ASN A 96 1.03 -36.73 -7.24
C ASN A 96 0.95 -35.30 -6.73
N THR A 97 1.38 -34.37 -7.59
CA THR A 97 1.28 -32.93 -7.33
C THR A 97 1.87 -32.57 -5.96
N ILE A 98 3.15 -32.84 -5.78
CA ILE A 98 3.82 -32.58 -4.51
C ILE A 98 4.18 -31.10 -4.47
N ILE A 99 3.67 -30.40 -3.46
CA ILE A 99 3.83 -28.95 -3.32
C ILE A 99 4.82 -28.68 -2.21
N ILE A 100 5.80 -27.83 -2.48
CA ILE A 100 6.79 -27.41 -1.49
C ILE A 100 6.57 -25.93 -1.21
N ASP A 101 6.64 -25.57 0.07
CA ASP A 101 6.44 -24.20 0.52
C ASP A 101 7.74 -23.65 1.08
N GLU A 102 7.92 -22.33 0.93
CA GLU A 102 9.17 -21.66 1.30
C GLU A 102 10.36 -22.30 0.56
N ILE A 103 10.20 -22.40 -0.76
CA ILE A 103 11.19 -23.09 -1.58
C ILE A 103 12.56 -22.43 -1.49
N SER A 104 12.59 -21.10 -1.33
CA SER A 104 13.87 -20.40 -1.22
C SER A 104 14.71 -20.90 -0.06
N MET A 105 14.07 -21.47 0.97
CA MET A 105 14.80 -21.89 2.16
C MET A 105 15.44 -23.27 2.01
N VAL A 106 14.92 -24.11 1.11
CA VAL A 106 15.48 -25.45 0.96
C VAL A 106 16.84 -25.36 0.25
N ARG A 107 17.73 -26.27 0.62
CA ARG A 107 19.09 -26.24 0.08
C ARG A 107 19.12 -26.77 -1.35
N ALA A 108 20.27 -26.57 -1.99
CA ALA A 108 20.46 -27.08 -3.35
C ALA A 108 20.57 -28.60 -3.34
N ASP A 109 21.40 -29.15 -2.44
CA ASP A 109 21.55 -30.59 -2.36
C ASP A 109 20.26 -31.27 -1.90
N LEU A 110 19.56 -30.65 -0.93
CA LEU A 110 18.33 -31.23 -0.43
C LEU A 110 17.28 -31.38 -1.52
N LEU A 111 17.23 -30.42 -2.46
CA LEU A 111 16.23 -30.48 -3.52
C LEU A 111 16.55 -31.57 -4.53
N ASP A 112 17.84 -31.79 -4.80
CA ASP A 112 18.23 -32.88 -5.69
C ASP A 112 18.02 -34.25 -5.06
N CYS A 113 18.03 -34.33 -3.72
CA CYS A 113 17.70 -35.58 -3.06
C CYS A 113 16.26 -36.00 -3.36
N ILE A 114 15.34 -35.03 -3.40
CA ILE A 114 13.96 -35.32 -3.72
C ILE A 114 13.83 -35.83 -5.15
N ASP A 115 14.56 -35.22 -6.08
CA ASP A 115 14.51 -35.65 -7.47
C ASP A 115 15.01 -37.08 -7.62
N LEU A 116 16.17 -37.39 -7.04
CA LEU A 116 16.72 -38.74 -7.14
C LEU A 116 15.85 -39.74 -6.38
N PHE A 117 15.27 -39.34 -5.25
CA PHE A 117 14.36 -40.22 -4.53
C PHE A 117 13.11 -40.51 -5.35
N LEU A 118 12.53 -39.46 -5.96
CA LEU A 118 11.33 -39.65 -6.76
C LEU A 118 11.62 -40.43 -8.03
N LYS A 119 12.83 -40.28 -8.59
CA LYS A 119 13.19 -41.04 -9.78
C LYS A 119 13.26 -42.54 -9.50
N ARG A 120 13.49 -42.93 -8.25
CA ARG A 120 13.53 -44.35 -7.91
C ARG A 120 12.13 -44.95 -7.85
N VAL A 121 11.26 -44.38 -7.02
CA VAL A 121 9.90 -44.91 -6.84
C VAL A 121 8.97 -44.59 -8.01
N LYS A 122 9.45 -43.84 -8.99
CA LYS A 122 8.64 -43.41 -10.14
C LYS A 122 9.52 -43.48 -11.38
N ASN A 123 9.04 -42.91 -12.47
CA ASN A 123 9.74 -42.97 -13.75
C ASN A 123 11.12 -42.36 -13.62
N PRO A 124 12.20 -43.13 -13.85
CA PRO A 124 13.55 -42.66 -13.52
C PRO A 124 14.14 -41.65 -14.49
N LYS A 125 13.46 -41.33 -15.58
CA LYS A 125 13.98 -40.40 -16.58
C LYS A 125 13.38 -39.01 -16.46
N LEU A 126 12.10 -38.92 -16.12
CA LEU A 126 11.45 -37.63 -15.97
C LEU A 126 11.94 -36.93 -14.70
N PRO A 127 11.99 -35.60 -14.70
CA PRO A 127 12.40 -34.87 -13.50
C PRO A 127 11.42 -35.06 -12.35
N PHE A 128 11.97 -35.31 -11.17
CA PHE A 128 11.17 -35.58 -9.95
C PHE A 128 10.26 -36.78 -10.14
N GLY A 129 10.74 -37.78 -10.88
CA GLY A 129 9.94 -38.96 -11.15
C GLY A 129 8.70 -38.71 -11.98
N GLY A 130 8.56 -37.52 -12.57
CA GLY A 130 7.39 -37.19 -13.34
C GLY A 130 6.24 -36.65 -12.53
N THR A 131 6.47 -36.25 -11.29
CA THR A 131 5.41 -35.73 -10.43
C THR A 131 5.30 -34.23 -10.59
N LYS A 132 4.08 -33.72 -10.47
CA LYS A 132 3.81 -32.29 -10.63
C LYS A 132 4.42 -31.52 -9.45
N MET A 133 5.35 -30.62 -9.75
CA MET A 133 6.10 -29.87 -8.74
C MET A 133 5.60 -28.44 -8.72
N ILE A 134 4.92 -28.05 -7.64
CA ILE A 134 4.53 -26.67 -7.41
C ILE A 134 5.38 -26.13 -6.27
N PHE A 135 6.15 -25.09 -6.55
CA PHE A 135 7.00 -24.42 -5.57
C PHE A 135 6.46 -23.03 -5.28
N ILE A 136 6.29 -22.71 -3.99
CA ILE A 136 5.81 -21.43 -3.55
C ILE A 136 6.80 -20.87 -2.52
N GLY A 137 6.60 -19.61 -2.14
CA GLY A 137 7.61 -18.93 -1.36
C GLY A 137 8.47 -17.98 -2.17
N ASP A 138 8.23 -16.68 -2.03
CA ASP A 138 8.88 -15.65 -2.83
C ASP A 138 10.38 -15.89 -2.97
N LEU A 139 10.87 -15.64 -4.19
CA LEU A 139 12.16 -16.19 -4.61
C LEU A 139 13.35 -15.51 -3.95
N TYR A 140 13.23 -14.24 -3.54
CA TYR A 140 14.38 -13.50 -3.03
C TYR A 140 14.49 -13.55 -1.50
N GLN A 141 13.79 -14.46 -0.84
CA GLN A 141 13.95 -14.66 0.61
C GLN A 141 14.98 -15.74 0.90
N LEU A 142 16.20 -15.51 0.42
CA LEU A 142 17.23 -16.54 0.51
C LEU A 142 17.77 -16.67 1.93
N PRO A 143 18.06 -17.89 2.39
CA PRO A 143 18.65 -18.07 3.72
C PRO A 143 20.04 -17.46 3.80
N PRO A 144 20.48 -17.09 5.00
CA PRO A 144 21.80 -16.45 5.12
C PRO A 144 22.93 -17.47 5.07
N VAL A 145 23.99 -17.10 4.35
CA VAL A 145 25.21 -17.88 4.27
C VAL A 145 26.36 -17.05 4.83
N LEU A 146 27.40 -17.75 5.26
CA LEU A 146 28.61 -17.10 5.75
C LEU A 146 29.83 -17.82 5.19
N THR A 147 30.94 -17.09 5.07
CA THR A 147 32.11 -17.63 4.40
C THR A 147 32.92 -18.51 5.34
N ASN A 148 33.35 -17.98 6.48
CA ASN A 148 34.08 -18.82 7.43
C ASN A 148 33.11 -19.62 8.30
N HIS A 149 32.12 -18.95 8.88
CA HIS A 149 31.12 -19.63 9.69
C HIS A 149 30.05 -20.26 8.81
N GLN A 150 29.28 -21.16 9.41
CA GLN A 150 28.05 -21.72 8.85
C GLN A 150 28.26 -22.19 7.41
N LYS A 151 29.20 -23.12 7.25
CA LYS A 151 29.42 -23.73 5.96
C LYS A 151 29.37 -25.25 6.07
N LYS A 152 29.08 -25.87 4.93
CA LYS A 152 29.48 -27.24 4.66
C LYS A 152 30.25 -27.36 3.36
N ALA A 153 30.16 -26.36 2.49
CA ALA A 153 31.13 -26.04 1.45
C ALA A 153 31.14 -27.02 0.29
N PHE A 154 30.16 -27.93 0.22
CA PHE A 154 30.10 -28.87 -0.88
C PHE A 154 30.24 -28.14 -2.20
N ASN A 155 31.30 -28.47 -2.95
CA ASN A 155 31.59 -27.80 -4.21
C ASN A 155 31.74 -28.77 -5.37
N MET A 156 31.13 -29.96 -5.28
CA MET A 156 31.29 -30.96 -6.33
C MET A 156 30.86 -30.39 -7.68
N GLU A 157 29.58 -30.01 -7.79
CA GLU A 157 29.09 -29.34 -8.98
C GLU A 157 28.18 -28.16 -8.69
N TYR A 158 28.00 -27.78 -7.43
CA TYR A 158 27.09 -26.70 -7.07
C TYR A 158 27.81 -25.36 -7.10
N GLU A 159 27.17 -24.39 -7.74
CA GLU A 159 27.66 -23.01 -7.74
C GLU A 159 27.34 -22.29 -6.42
N SER A 160 26.36 -22.77 -5.66
CA SER A 160 25.89 -22.12 -4.45
C SER A 160 24.97 -23.09 -3.72
N PRO A 161 24.80 -22.92 -2.41
CA PRO A 161 23.85 -23.77 -1.68
C PRO A 161 22.39 -23.39 -1.88
N TYR A 162 22.11 -22.30 -2.58
CA TYR A 162 20.73 -21.85 -2.75
C TYR A 162 19.95 -22.78 -3.67
N PHE A 163 18.62 -22.69 -3.57
CA PHE A 163 17.73 -23.64 -4.24
C PHE A 163 17.97 -23.68 -5.75
N PHE A 164 18.26 -22.53 -6.38
CA PHE A 164 18.32 -22.49 -7.83
C PHE A 164 19.49 -23.29 -8.39
N SER A 165 20.48 -23.63 -7.55
CA SER A 165 21.62 -24.39 -8.01
C SER A 165 21.33 -25.89 -8.12
N ALA A 166 20.09 -26.30 -7.93
CA ALA A 166 19.75 -27.71 -8.02
C ALA A 166 19.85 -28.19 -9.47
N LYS A 167 20.54 -29.32 -9.66
CA LYS A 167 20.79 -29.82 -11.01
C LYS A 167 19.50 -30.24 -11.71
N VAL A 168 18.43 -30.51 -10.96
CA VAL A 168 17.17 -30.88 -11.60
C VAL A 168 16.60 -29.72 -12.41
N PHE A 169 16.96 -28.48 -12.07
CA PHE A 169 16.40 -27.33 -12.77
C PHE A 169 16.97 -27.19 -14.17
N LYS A 170 18.27 -27.45 -14.34
CA LYS A 170 18.91 -27.29 -15.65
C LYS A 170 18.40 -28.28 -16.68
N GLU A 171 17.58 -29.24 -16.27
CA GLU A 171 16.94 -30.21 -17.17
C GLU A 171 15.44 -30.25 -16.91
N MET A 172 14.82 -29.08 -16.78
CA MET A 172 13.41 -28.99 -16.46
C MET A 172 12.85 -27.69 -17.01
N ASP A 173 11.55 -27.70 -17.31
CA ASP A 173 10.82 -26.53 -17.78
C ASP A 173 9.63 -26.31 -16.87
N MET A 174 9.55 -25.14 -16.23
CA MET A 174 8.45 -24.94 -15.30
C MET A 174 7.76 -23.58 -15.37
N GLU A 175 8.04 -22.75 -16.38
CA GLU A 175 7.18 -21.63 -16.80
C GLU A 175 6.71 -20.78 -15.62
N PHE A 176 7.69 -20.19 -14.93
CA PHE A 176 7.48 -19.47 -13.68
C PHE A 176 6.38 -18.41 -13.79
N ILE A 177 5.63 -18.25 -12.70
CA ILE A 177 4.55 -17.26 -12.58
C ILE A 177 4.78 -16.45 -11.31
N GLU A 178 4.72 -15.12 -11.43
CA GLU A 178 4.98 -14.23 -10.31
C GLU A 178 3.70 -13.53 -9.86
N PHE A 179 3.64 -13.23 -8.55
CA PHE A 179 2.55 -12.47 -7.93
C PHE A 179 3.07 -11.07 -7.62
N GLU A 180 2.70 -10.10 -8.46
CA GLU A 180 3.26 -8.77 -8.38
C GLU A 180 2.34 -7.75 -7.71
N THR A 181 1.15 -8.16 -7.25
CA THR A 181 0.20 -7.24 -6.60
C THR A 181 0.39 -7.20 -5.08
N ILE A 182 0.69 -5.99 -4.56
CA ILE A 182 0.90 -5.50 -3.18
C ILE A 182 -0.35 -5.22 -2.32
N TYR A 183 -0.17 -5.06 -1.01
CA TYR A 183 -1.26 -4.80 -0.03
C TYR A 183 -0.68 -4.14 1.22
N ARG A 184 -1.51 -4.03 2.26
CA ARG A 184 -0.98 -3.94 3.62
C ARG A 184 0.10 -2.90 3.93
N GLN A 185 -0.18 -1.58 3.85
CA GLN A 185 0.85 -0.52 3.77
C GLN A 185 1.76 -0.55 2.53
N SER A 186 1.03 -0.29 1.44
CA SER A 186 1.47 -0.28 0.05
C SER A 186 2.17 1.05 -0.27
N ASP A 187 3.26 1.28 0.46
CA ASP A 187 4.15 2.42 0.27
C ASP A 187 4.94 2.21 -1.01
N LYS A 188 4.48 2.90 -2.07
CA LYS A 188 5.01 2.70 -3.42
C LYS A 188 6.49 3.00 -3.50
N LEU A 189 6.90 4.17 -3.01
CA LEU A 189 8.34 4.49 -2.99
C LEU A 189 9.11 3.41 -2.28
N PHE A 190 8.57 2.90 -1.16
CA PHE A 190 9.19 1.78 -0.47
C PHE A 190 9.18 0.52 -1.33
N ILE A 191 8.08 0.27 -2.05
CA ILE A 191 8.01 -0.91 -2.91
C ILE A 191 9.03 -0.81 -4.05
N ASP A 192 9.17 0.38 -4.64
CA ASP A 192 10.09 0.55 -5.76
C ASP A 192 11.54 0.44 -5.31
N ILE A 193 11.85 0.91 -4.10
CA ILE A 193 13.19 0.71 -3.55
C ILE A 193 13.45 -0.77 -3.32
N LEU A 194 12.44 -1.49 -2.82
CA LEU A 194 12.59 -2.94 -2.65
C LEU A 194 12.77 -3.62 -4.00
N ASN A 195 12.09 -3.14 -5.04
CA ASN A 195 12.26 -3.71 -6.37
C ASN A 195 13.69 -3.54 -6.87
N ARG A 196 14.26 -2.35 -6.67
CA ARG A 196 15.62 -2.10 -7.16
C ARG A 196 16.67 -2.84 -6.34
N ILE A 197 16.42 -3.04 -5.04
CA ILE A 197 17.31 -3.90 -4.27
C ILE A 197 17.24 -5.34 -4.77
N ARG A 198 16.04 -5.80 -5.14
CA ARG A 198 15.91 -7.11 -5.77
C ARG A 198 16.68 -7.17 -7.08
N ASN A 199 16.53 -6.15 -7.91
CA ASN A 199 17.22 -6.07 -9.19
C ASN A 199 18.68 -5.69 -9.05
N ASN A 200 19.14 -5.35 -7.84
CA ASN A 200 20.51 -4.89 -7.61
C ASN A 200 20.83 -3.65 -8.42
N THR A 201 19.82 -2.80 -8.63
CA THR A 201 19.96 -1.54 -9.37
C THR A 201 19.72 -0.35 -8.46
N VAL A 202 20.16 -0.45 -7.20
CA VAL A 202 19.92 0.61 -6.23
C VAL A 202 20.64 1.88 -6.64
N THR A 203 19.93 3.01 -6.59
CA THR A 203 20.52 4.30 -6.89
C THR A 203 21.02 4.98 -5.62
N ASP A 204 21.81 6.04 -5.81
CA ASP A 204 22.32 6.80 -4.68
C ASP A 204 21.21 7.53 -3.94
N GLU A 205 20.15 7.93 -4.65
CA GLU A 205 19.01 8.54 -4.00
C GLU A 205 18.27 7.54 -3.11
N ASP A 206 18.26 6.27 -3.50
CA ASP A 206 17.68 5.24 -2.64
C ASP A 206 18.47 5.11 -1.34
N ILE A 207 19.80 5.11 -1.42
CA ILE A 207 20.63 5.01 -0.23
C ILE A 207 20.44 6.23 0.65
N LYS A 208 20.27 7.40 0.04
CA LYS A 208 19.99 8.62 0.82
C LYS A 208 18.64 8.50 1.52
N ILE A 209 17.64 7.92 0.86
CA ILE A 209 16.33 7.76 1.47
C ILE A 209 16.40 6.75 2.61
N ILE A 210 17.06 5.62 2.39
CA ILE A 210 17.14 4.59 3.44
C ILE A 210 17.92 5.12 4.64
N ASN A 211 19.05 5.78 4.39
CA ASN A 211 19.84 6.33 5.48
C ASN A 211 19.11 7.43 6.24
N SER A 212 18.11 8.06 5.62
CA SER A 212 17.32 9.07 6.32
C SER A 212 16.52 8.48 7.48
N ARG A 213 16.32 7.17 7.48
CA ARG A 213 15.63 6.49 8.57
C ARG A 213 16.55 6.12 9.72
N VAL A 214 17.84 6.43 9.62
CA VAL A 214 18.79 6.07 10.68
C VAL A 214 18.58 6.97 11.88
N GLN A 215 18.60 6.36 13.07
CA GLN A 215 18.46 7.09 14.32
C GLN A 215 19.29 6.40 15.39
N ASP A 216 20.25 7.12 15.97
CA ASP A 216 21.01 6.59 17.09
C ASP A 216 20.26 6.72 18.42
N LYS A 217 19.18 7.49 18.43
CA LYS A 217 18.33 7.69 19.59
C LYS A 217 16.89 7.44 19.17
N ILE A 218 16.09 6.96 20.11
CA ILE A 218 14.68 6.72 19.80
C ILE A 218 13.84 7.17 20.98
N ASP A 219 12.97 8.13 20.75
CA ASP A 219 11.97 8.60 21.69
C ASP A 219 10.68 7.82 21.49
N ASN A 220 10.10 7.31 22.58
CA ASN A 220 8.86 6.54 22.53
C ASN A 220 8.99 5.33 21.60
N ASP A 221 9.92 4.44 21.98
CA ASP A 221 10.20 3.21 21.26
C ASP A 221 9.02 2.24 21.27
N ASP A 222 7.93 2.61 21.96
CA ASP A 222 6.78 1.73 22.09
C ASP A 222 6.15 1.44 20.74
N GLY A 223 5.83 0.16 20.51
CA GLY A 223 5.32 -0.30 19.24
C GLY A 223 6.38 -0.78 18.27
N TYR A 224 7.63 -0.42 18.49
CA TYR A 224 8.74 -0.84 17.64
C TYR A 224 9.29 -2.19 18.08
N ILE A 225 9.59 -3.04 17.10
CA ILE A 225 10.20 -4.34 17.34
C ILE A 225 11.61 -4.33 16.78
N TYR A 226 12.58 -4.77 17.58
CA TYR A 226 13.99 -4.73 17.22
C TYR A 226 14.31 -5.98 16.40
N ILE A 227 14.59 -5.79 15.11
CA ILE A 227 14.91 -6.90 14.21
C ILE A 227 16.43 -6.97 14.06
N THR A 228 17.01 -8.06 14.54
CA THR A 228 18.45 -8.29 14.45
C THR A 228 18.70 -9.67 13.85
N THR A 229 19.97 -9.98 13.62
CA THR A 229 20.37 -11.29 13.13
C THR A 229 20.89 -12.19 14.23
N VAL A 230 21.42 -11.62 15.31
CA VAL A 230 21.99 -12.39 16.41
C VAL A 230 20.86 -12.96 17.26
N ASN A 231 20.69 -14.29 17.22
CA ASN A 231 19.68 -14.93 18.04
C ASN A 231 19.90 -14.67 19.52
N LYS A 232 21.16 -14.49 19.93
CA LYS A 232 21.46 -14.20 21.33
C LYS A 232 20.95 -12.83 21.73
N LYS A 233 21.20 -11.81 20.90
CA LYS A 233 20.85 -10.43 21.26
C LYS A 233 19.35 -10.26 21.39
N ALA A 234 18.57 -10.89 20.51
CA ALA A 234 17.12 -10.75 20.57
C ALA A 234 16.56 -11.30 21.88
N GLU A 235 17.06 -12.47 22.32
CA GLU A 235 16.59 -13.05 23.57
C GLU A 235 16.90 -12.14 24.76
N GLU A 236 18.07 -11.52 24.76
CA GLU A 236 18.44 -10.61 25.85
C GLU A 236 17.48 -9.42 25.93
N ILE A 237 17.08 -8.89 24.77
CA ILE A 237 16.24 -7.69 24.75
C ILE A 237 14.87 -7.98 25.34
N ASN A 238 14.24 -9.08 24.93
CA ASN A 238 12.92 -9.43 25.44
C ASN A 238 12.95 -9.67 26.94
N ASN A 239 13.95 -10.42 27.42
CA ASN A 239 14.04 -10.72 28.84
C ASN A 239 14.33 -9.47 29.66
N GLN A 240 15.22 -8.61 29.17
CA GLN A 240 15.53 -7.37 29.89
C GLN A 240 14.33 -6.43 29.91
N LYS A 241 13.59 -6.35 28.80
CA LYS A 241 12.42 -5.48 28.77
C LYS A 241 11.32 -5.99 29.69
N LEU A 242 11.23 -7.31 29.88
CA LEU A 242 10.21 -7.87 30.76
C LEU A 242 10.57 -7.70 32.23
N ASP A 243 11.86 -7.74 32.57
CA ASP A 243 12.26 -7.53 33.96
C ASP A 243 11.99 -6.09 34.40
N LYS A 244 12.21 -5.13 33.51
CA LYS A 244 11.99 -3.73 33.81
C LYS A 244 10.50 -3.36 33.87
N LEU A 245 9.61 -4.33 33.74
CA LEU A 245 8.17 -4.10 33.85
C LEU A 245 7.71 -4.44 35.26
N LYS A 246 6.91 -3.54 35.85
CA LYS A 246 6.30 -3.81 37.14
C LYS A 246 5.09 -4.73 36.99
N GLY A 247 4.80 -5.48 38.04
CA GLY A 247 3.64 -6.35 38.06
C GLY A 247 3.98 -7.81 38.22
N LYS A 248 2.98 -8.59 38.63
CA LYS A 248 3.16 -10.02 38.85
C LYS A 248 3.53 -10.73 37.55
N LEU A 249 4.45 -11.69 37.65
CA LEU A 249 4.84 -12.51 36.50
C LEU A 249 3.90 -13.69 36.39
N TYR A 250 3.32 -13.87 35.20
CA TYR A 250 2.38 -14.95 34.93
C TYR A 250 3.07 -16.03 34.09
N LYS A 251 2.90 -17.28 34.50
CA LYS A 251 3.51 -18.44 33.83
C LYS A 251 2.39 -19.34 33.29
N LEU A 252 2.11 -19.21 32.01
CA LEU A 252 1.06 -20.00 31.36
C LEU A 252 1.68 -21.20 30.66
N ASN A 253 1.05 -22.37 30.84
CA ASN A 253 1.59 -23.64 30.38
C ASN A 253 0.78 -24.16 29.20
N GLY A 254 1.48 -24.59 28.15
CA GLY A 254 0.84 -25.14 26.97
C GLY A 254 0.57 -26.63 27.11
N THR A 255 -0.59 -27.05 26.60
CA THR A 255 -1.00 -28.45 26.64
C THR A 255 -0.48 -29.16 25.39
N LEU A 256 0.32 -30.20 25.59
CA LEU A 256 0.95 -30.94 24.50
C LEU A 256 0.29 -32.31 24.39
N LYS A 257 -0.67 -32.43 23.48
CA LYS A 257 -1.36 -33.68 23.23
C LYS A 257 -0.62 -34.50 22.16
N GLY A 258 -0.69 -35.81 22.31
CA GLY A 258 -0.20 -36.73 21.28
C GLY A 258 1.29 -36.60 21.03
N ASN A 259 1.66 -36.74 19.76
CA ASN A 259 3.06 -36.76 19.32
C ASN A 259 3.35 -35.46 18.57
N PHE A 260 3.88 -34.47 19.30
CA PHE A 260 4.24 -33.17 18.74
C PHE A 260 5.72 -32.89 18.97
N ASP A 261 6.34 -32.22 18.01
CA ASP A 261 7.75 -31.89 18.09
C ASP A 261 7.92 -30.68 19.00
N GLU A 262 8.49 -30.90 20.20
CA GLU A 262 8.71 -29.81 21.13
C GLU A 262 9.79 -28.85 20.66
N ASN A 263 10.58 -29.24 19.66
CA ASN A 263 11.58 -28.36 19.07
C ASN A 263 10.98 -27.44 18.01
N SER A 264 9.69 -27.55 17.72
CA SER A 264 9.03 -26.77 16.67
C SER A 264 7.86 -25.97 17.23
N LEU A 265 7.88 -25.67 18.53
CA LEU A 265 6.78 -24.94 19.13
C LEU A 265 6.77 -23.50 18.62
N PRO A 266 5.63 -22.98 18.16
CA PRO A 266 5.59 -21.57 17.74
C PRO A 266 5.83 -20.61 18.88
N THR A 267 5.33 -20.92 20.07
CA THR A 267 5.50 -20.13 21.27
C THR A 267 5.91 -21.04 22.42
N PRO A 268 6.73 -20.55 23.35
CA PRO A 268 7.25 -21.42 24.40
C PRO A 268 6.16 -22.09 25.23
N LYS A 269 6.45 -23.31 25.67
CA LYS A 269 5.52 -24.03 26.54
C LYS A 269 5.36 -23.34 27.89
N ASN A 270 6.40 -22.66 28.36
CA ASN A 270 6.36 -21.91 29.61
C ASN A 270 6.40 -20.43 29.23
N LEU A 271 5.21 -19.84 29.06
CA LEU A 271 5.08 -18.46 28.60
C LEU A 271 5.08 -17.55 29.82
N HIS A 272 6.13 -16.73 29.96
CA HIS A 272 6.24 -15.77 31.04
C HIS A 272 5.84 -14.40 30.51
N LEU A 273 4.75 -13.85 31.06
CA LEU A 273 4.21 -12.59 30.57
C LEU A 273 3.81 -11.71 31.75
N LYS A 274 3.96 -10.40 31.58
CA LYS A 274 3.52 -9.41 32.54
C LYS A 274 2.52 -8.47 31.89
N ILE A 275 1.63 -7.89 32.70
CA ILE A 275 0.68 -6.91 32.20
C ILE A 275 1.44 -5.66 31.77
N GLY A 276 1.35 -5.33 30.49
CA GLY A 276 2.10 -4.25 29.90
C GLY A 276 3.16 -4.69 28.91
N ALA A 277 3.42 -5.99 28.83
CA ALA A 277 4.44 -6.50 27.92
C ALA A 277 4.02 -6.33 26.46
N GLN A 278 5.01 -6.09 25.61
CA GLN A 278 4.79 -6.01 24.17
C GLN A 278 4.84 -7.43 23.60
N VAL A 279 3.71 -7.89 23.07
CA VAL A 279 3.57 -9.27 22.62
C VAL A 279 3.25 -9.28 21.12
N MET A 280 3.33 -10.47 20.53
CA MET A 280 3.10 -10.66 19.11
C MET A 280 2.13 -11.81 18.90
N LEU A 281 1.11 -11.56 18.08
CA LEU A 281 0.13 -12.60 17.75
C LEU A 281 0.65 -13.49 16.62
N LEU A 282 0.42 -14.79 16.76
CA LEU A 282 0.99 -15.80 15.88
C LEU A 282 -0.10 -16.61 15.18
N ASN A 283 -1.27 -16.01 14.94
CA ASN A 283 -2.44 -16.78 14.55
C ASN A 283 -3.08 -16.37 13.23
N ASN A 284 -2.86 -15.14 12.75
CA ASN A 284 -3.39 -14.70 11.46
C ASN A 284 -4.92 -14.88 11.40
N ALA A 285 -5.61 -14.19 12.31
CA ALA A 285 -7.03 -14.35 12.58
C ALA A 285 -7.91 -14.30 11.34
N PRO A 286 -9.04 -15.03 11.33
CA PRO A 286 -9.91 -15.01 10.15
C PRO A 286 -10.54 -13.65 9.87
N ASP A 287 -10.98 -12.94 10.90
CA ASP A 287 -11.69 -11.68 10.73
C ASP A 287 -10.76 -10.52 10.38
N ARG A 288 -9.48 -10.79 10.11
CA ARG A 288 -8.48 -9.82 9.70
C ARG A 288 -8.20 -8.76 10.76
N MET A 289 -8.64 -8.99 12.00
CA MET A 289 -8.31 -8.05 13.07
C MET A 289 -6.81 -8.03 13.34
N TRP A 290 -6.19 -9.20 13.40
CA TRP A 290 -4.75 -9.31 13.59
C TRP A 290 -4.18 -10.35 12.63
N VAL A 291 -2.96 -10.10 12.19
CA VAL A 291 -2.26 -11.01 11.29
C VAL A 291 -1.11 -11.65 12.06
N ASN A 292 -0.47 -12.64 11.44
CA ASN A 292 0.67 -13.30 12.08
C ASN A 292 1.83 -12.31 12.10
N GLY A 293 2.10 -11.75 13.27
CA GLY A 293 3.09 -10.70 13.42
C GLY A 293 2.51 -9.39 13.95
N THR A 294 1.23 -9.34 14.30
CA THR A 294 0.64 -8.12 14.84
C THR A 294 1.14 -7.89 16.26
N ILE A 295 1.51 -6.65 16.55
CA ILE A 295 2.13 -6.29 17.83
C ILE A 295 1.09 -5.65 18.72
N GLY A 296 1.00 -6.12 19.97
CA GLY A 296 0.05 -5.59 20.92
C GLY A 296 0.71 -5.37 22.28
N THR A 297 -0.09 -4.86 23.21
CA THR A 297 0.38 -4.58 24.57
C THR A 297 -0.62 -5.18 25.56
N ILE A 298 -0.14 -6.11 26.39
CA ILE A 298 -1.02 -6.81 27.33
C ILE A 298 -1.58 -5.81 28.32
N THR A 299 -2.91 -5.68 28.34
CA THR A 299 -3.57 -4.80 29.29
C THR A 299 -4.18 -5.53 30.48
N ASN A 300 -4.39 -6.84 30.38
CA ASN A 300 -4.93 -7.62 31.48
C ASN A 300 -4.71 -9.10 31.17
N ILE A 301 -4.49 -9.87 32.24
CA ILE A 301 -4.32 -11.32 32.14
C ILE A 301 -5.33 -11.98 33.06
N PHE A 302 -6.14 -12.88 32.50
CA PHE A 302 -7.19 -13.59 33.24
C PHE A 302 -6.88 -15.09 33.24
N PRO A 303 -6.24 -15.60 34.29
CA PRO A 303 -5.84 -17.02 34.26
C PRO A 303 -7.00 -17.99 34.38
N ASP A 304 -7.97 -17.70 35.25
CA ASP A 304 -9.11 -18.60 35.42
C ASP A 304 -9.91 -18.73 34.13
N GLU A 305 -10.29 -17.59 33.54
CA GLU A 305 -11.04 -17.59 32.29
C GLU A 305 -10.19 -18.01 31.09
N MET A 306 -8.87 -18.05 31.24
CA MET A 306 -7.94 -18.35 30.14
C MET A 306 -8.14 -17.37 28.98
N ILE A 307 -8.03 -16.09 29.31
CA ILE A 307 -8.18 -15.00 28.35
C ILE A 307 -7.12 -13.95 28.65
N ILE A 308 -6.35 -13.59 27.63
CA ILE A 308 -5.34 -12.55 27.74
C ILE A 308 -5.82 -11.33 26.95
N GLU A 309 -5.96 -10.20 27.63
CA GLU A 309 -6.42 -8.97 27.01
C GLU A 309 -5.23 -8.10 26.63
N LEU A 310 -5.27 -7.54 25.41
CA LEU A 310 -4.23 -6.63 24.96
C LEU A 310 -4.82 -5.61 24.00
N ALA A 311 -4.30 -4.38 24.05
CA ALA A 311 -4.68 -3.34 23.10
C ALA A 311 -3.72 -3.38 21.92
N LEU A 312 -4.25 -3.66 20.73
CA LEU A 312 -3.46 -4.08 19.58
C LEU A 312 -2.56 -3.02 18.97
N GLU A 313 -2.59 -1.77 19.42
CA GLU A 313 -1.83 -0.70 18.78
C GLU A 313 -2.13 0.62 19.47
N ASN A 314 -3.11 1.30 18.90
CA ASN A 314 -3.68 2.56 19.32
C ASN A 314 -4.82 2.44 20.34
N GLY A 315 -5.28 1.25 20.76
CA GLY A 315 -6.70 1.08 21.04
C GLY A 315 -7.63 0.12 20.32
N ASN A 316 -7.14 -1.02 19.82
CA ASN A 316 -7.90 -2.03 19.08
C ASN A 316 -8.23 -3.25 19.94
N ILE A 317 -8.50 -3.02 21.23
CA ILE A 317 -8.46 -4.04 22.29
C ILE A 317 -9.19 -5.31 21.87
N VAL A 318 -8.50 -6.45 22.04
CA VAL A 318 -8.95 -7.77 21.63
C VAL A 318 -8.77 -8.75 22.79
N GLU A 319 -9.59 -9.80 22.81
CA GLU A 319 -9.50 -10.86 23.81
C GLU A 319 -9.02 -12.13 23.13
N ILE A 320 -7.93 -12.71 23.65
CA ILE A 320 -7.26 -13.86 23.05
C ILE A 320 -7.42 -15.07 23.96
N THR A 321 -7.70 -16.22 23.36
CA THR A 321 -7.80 -17.50 24.03
C THR A 321 -6.76 -18.45 23.44
N PRO A 322 -6.41 -19.53 24.14
CA PRO A 322 -5.37 -20.43 23.62
C PRO A 322 -5.74 -21.01 22.26
N PHE A 323 -4.73 -21.15 21.41
CA PHE A 323 -4.89 -21.67 20.06
C PHE A 323 -4.24 -23.04 19.93
N LYS A 324 -4.80 -23.87 19.07
CA LYS A 324 -4.34 -25.24 18.88
C LYS A 324 -3.65 -25.38 17.53
N TRP A 325 -2.44 -25.91 17.55
CA TRP A 325 -1.70 -26.24 16.34
C TRP A 325 -1.76 -27.74 16.10
N ASP A 326 -1.94 -28.13 14.84
CA ASP A 326 -2.05 -29.53 14.47
C ASP A 326 -0.75 -30.01 13.84
N MET A 327 -0.38 -31.25 14.13
CA MET A 327 0.82 -31.88 13.58
C MET A 327 0.38 -32.79 12.45
N ILE A 328 0.51 -32.29 11.22
CA ILE A 328 0.04 -33.02 10.05
C ILE A 328 1.09 -34.02 9.61
N LYS A 329 0.64 -35.23 9.27
CA LYS A 329 1.51 -36.27 8.74
C LYS A 329 0.76 -37.01 7.64
N PHE A 330 1.33 -37.04 6.44
CA PHE A 330 0.70 -37.76 5.33
C PHE A 330 1.02 -39.24 5.45
N THR A 331 -0.03 -40.07 5.51
CA THR A 331 0.09 -41.50 5.68
C THR A 331 -0.76 -42.22 4.64
N TYR A 332 -0.30 -43.40 4.25
CA TYR A 332 -1.02 -44.23 3.28
C TYR A 332 -1.92 -45.20 4.04
N ASP A 333 -3.23 -45.01 3.89
CA ASP A 333 -4.21 -45.91 4.50
C ASP A 333 -4.27 -47.18 3.65
N LYS A 334 -3.72 -48.27 4.18
CA LYS A 334 -3.63 -49.52 3.43
C LYS A 334 -4.99 -50.18 3.24
N LYS A 335 -6.04 -49.65 3.88
CA LYS A 335 -7.38 -50.20 3.73
C LYS A 335 -8.17 -49.46 2.65
N GLU A 336 -8.25 -48.14 2.76
CA GLU A 336 -8.95 -47.33 1.77
C GLU A 336 -8.05 -46.88 0.61
N LYS A 337 -6.78 -47.27 0.61
CA LYS A 337 -5.88 -47.09 -0.53
C LYS A 337 -5.65 -45.61 -0.86
N LYS A 338 -5.73 -44.72 0.14
CA LYS A 338 -5.63 -43.29 -0.08
C LYS A 338 -4.63 -42.67 0.88
N MET A 339 -4.32 -41.39 0.63
CA MET A 339 -3.21 -40.68 1.26
C MET A 339 -3.61 -39.56 2.21
N LEU A 340 -4.87 -39.11 2.17
CA LEU A 340 -5.29 -37.85 2.79
C LEU A 340 -4.74 -37.68 4.21
N SER A 341 -4.32 -36.44 4.50
CA SER A 341 -3.54 -36.11 5.68
C SER A 341 -4.36 -36.18 6.95
N GLU A 342 -3.68 -36.45 8.06
CA GLU A 342 -4.32 -36.65 9.36
C GLU A 342 -3.37 -36.23 10.47
N THR A 343 -3.95 -35.66 11.53
CA THR A 343 -3.18 -35.13 12.64
C THR A 343 -2.61 -36.25 13.51
N ILE A 344 -1.34 -36.10 13.91
CA ILE A 344 -0.72 -37.00 14.86
C ILE A 344 -0.48 -36.34 16.22
N GLY A 345 -0.56 -35.02 16.32
CA GLY A 345 -0.33 -34.35 17.59
C GLY A 345 -0.90 -32.94 17.61
N SER A 346 -1.15 -32.45 18.81
CA SER A 346 -1.72 -31.13 19.02
C SER A 346 -0.90 -30.37 20.07
N TYR A 347 -0.64 -29.10 19.81
CA TYR A 347 -0.03 -28.19 20.78
C TYR A 347 -0.96 -27.00 20.97
N THR A 348 -1.40 -26.78 22.19
CA THR A 348 -2.38 -25.75 22.52
C THR A 348 -1.76 -24.75 23.49
N GLN A 349 -1.80 -23.47 23.12
CA GLN A 349 -1.22 -22.38 23.89
C GLN A 349 -1.66 -21.07 23.25
N PHE A 350 -1.64 -20.01 24.05
CA PHE A 350 -1.98 -18.69 23.53
C PHE A 350 -1.09 -18.35 22.34
N PRO A 351 -1.65 -17.90 21.23
CA PRO A 351 -0.80 -17.52 20.09
C PRO A 351 -0.06 -16.22 20.33
N LEU A 352 0.75 -16.19 21.39
CA LEU A 352 1.43 -14.98 21.82
C LEU A 352 2.91 -15.25 22.03
N LYS A 353 3.71 -14.20 21.87
CA LYS A 353 5.15 -14.27 22.03
C LYS A 353 5.65 -12.87 22.34
N LEU A 354 6.67 -12.78 23.19
CA LEU A 354 7.26 -11.49 23.50
C LEU A 354 7.80 -10.85 22.23
N ALA A 355 7.43 -9.59 21.98
CA ALA A 355 7.70 -8.92 20.72
C ALA A 355 8.52 -7.66 20.91
N TYR A 356 9.38 -7.63 21.92
CA TYR A 356 10.32 -6.51 22.04
C TYR A 356 11.44 -6.63 21.03
N ALA A 357 11.80 -7.85 20.64
CA ALA A 357 12.81 -8.07 19.61
C ALA A 357 12.55 -9.42 18.97
N ILE A 358 13.04 -9.58 17.73
CA ILE A 358 12.94 -10.82 16.99
C ILE A 358 14.10 -10.90 16.01
N THR A 359 14.45 -12.11 15.62
CA THR A 359 15.50 -12.33 14.64
C THR A 359 14.89 -12.45 13.24
N VAL A 360 15.72 -12.17 12.24
CA VAL A 360 15.27 -12.27 10.85
C VAL A 360 14.83 -13.70 10.53
N HIS A 361 15.54 -14.69 11.09
CA HIS A 361 15.19 -16.08 10.82
C HIS A 361 13.84 -16.45 11.42
N LYS A 362 13.59 -16.04 12.67
CA LYS A 362 12.34 -16.40 13.34
C LYS A 362 11.17 -15.53 12.92
N SER A 363 11.41 -14.41 12.23
CA SER A 363 10.33 -13.54 11.77
C SER A 363 9.88 -13.86 10.35
N GLN A 364 10.14 -15.07 9.86
CA GLN A 364 9.74 -15.44 8.51
C GLN A 364 8.23 -15.41 8.36
N GLY A 365 7.76 -14.89 7.22
CA GLY A 365 6.35 -14.82 6.93
C GLY A 365 5.61 -13.68 7.61
N LYS A 366 6.19 -13.05 8.61
CA LYS A 366 5.53 -11.99 9.36
C LYS A 366 5.89 -10.62 8.79
N THR A 367 4.94 -9.70 8.85
CA THR A 367 5.17 -8.31 8.50
C THR A 367 4.75 -7.45 9.69
N PHE A 368 5.62 -6.53 10.08
CA PHE A 368 5.37 -5.67 11.23
C PHE A 368 5.05 -4.25 10.78
N HIS A 369 4.62 -3.44 11.74
CA HIS A 369 4.22 -2.06 11.50
C HIS A 369 5.34 -1.07 11.75
N LYS A 370 6.12 -1.26 12.81
CA LYS A 370 7.22 -0.37 13.17
C LYS A 370 8.40 -1.23 13.62
N VAL A 371 9.50 -1.19 12.87
CA VAL A 371 10.65 -2.04 13.14
C VAL A 371 11.88 -1.18 13.40
N ILE A 372 12.82 -1.77 14.14
CA ILE A 372 14.13 -1.17 14.42
C ILE A 372 15.15 -2.19 13.92
N ILE A 373 15.75 -1.94 12.76
CA ILE A 373 16.63 -2.89 12.12
C ILE A 373 18.06 -2.68 12.60
N ASP A 374 18.70 -3.75 13.04
CA ASP A 374 20.07 -3.72 13.55
C ASP A 374 21.02 -3.82 12.37
N THR A 375 21.43 -2.66 11.85
CA THR A 375 22.37 -2.59 10.74
C THR A 375 23.80 -2.28 11.20
N SER A 376 24.16 -2.72 12.41
CA SER A 376 25.51 -2.51 12.91
C SER A 376 26.52 -3.41 12.23
N ARG A 377 26.07 -4.51 11.62
CA ARG A 377 26.98 -5.37 10.89
C ARG A 377 27.64 -4.60 9.74
N HIS A 378 28.91 -4.91 9.49
CA HIS A 378 29.61 -4.27 8.37
C HIS A 378 28.99 -4.69 7.05
N PHE A 379 28.83 -5.99 6.83
CA PHE A 379 28.25 -6.51 5.61
C PHE A 379 27.01 -7.34 5.91
N PHE A 380 26.15 -7.44 4.91
CA PHE A 380 24.93 -8.25 4.96
C PHE A 380 25.08 -9.41 3.98
N ALA A 381 24.91 -10.63 4.48
CA ALA A 381 25.00 -11.83 3.66
C ALA A 381 24.07 -11.70 2.45
N PRO A 382 24.35 -12.41 1.34
CA PRO A 382 23.57 -12.17 0.11
C PRO A 382 22.06 -12.23 0.32
N GLY A 383 21.41 -11.10 0.08
CA GLY A 383 19.97 -10.99 0.21
C GLY A 383 19.47 -10.81 1.62
N GLN A 384 20.34 -10.51 2.58
CA GLN A 384 19.91 -10.36 3.96
C GLN A 384 19.42 -8.98 4.32
N PHE A 385 19.83 -7.95 3.58
CA PHE A 385 19.25 -6.62 3.80
C PHE A 385 17.83 -6.56 3.27
N TYR A 386 17.57 -7.18 2.12
CA TYR A 386 16.23 -7.17 1.54
C TYR A 386 15.22 -7.86 2.44
N VAL A 387 15.61 -8.98 3.05
CA VAL A 387 14.66 -9.70 3.91
C VAL A 387 14.37 -8.90 5.18
N ALA A 388 15.34 -8.13 5.66
CA ALA A 388 15.09 -7.28 6.83
C ALA A 388 14.06 -6.21 6.52
N LEU A 389 14.17 -5.57 5.35
CA LEU A 389 13.21 -4.55 4.96
C LEU A 389 11.84 -5.14 4.63
N SER A 390 11.83 -6.39 4.15
CA SER A 390 10.57 -7.05 3.82
C SER A 390 9.73 -7.37 5.05
N ARG A 391 10.31 -7.28 6.25
CA ARG A 391 9.57 -7.50 7.48
C ARG A 391 8.81 -6.26 7.94
N CYS A 392 8.88 -5.16 7.19
CA CYS A 392 8.17 -3.95 7.54
C CYS A 392 7.26 -3.55 6.41
N THR A 393 6.33 -2.65 6.72
CA THR A 393 5.25 -2.31 5.82
C THR A 393 5.36 -0.92 5.21
N SER A 394 6.10 -0.01 5.82
CA SER A 394 6.27 1.32 5.24
C SER A 394 7.62 1.88 5.66
N LEU A 395 8.12 2.83 4.86
CA LEU A 395 9.38 3.48 5.19
C LEU A 395 9.26 4.29 6.49
N ASP A 396 8.07 4.79 6.79
CA ASP A 396 7.89 5.56 8.02
C ASP A 396 7.96 4.68 9.26
N GLY A 397 7.68 3.38 9.13
CA GLY A 397 7.83 2.47 10.25
C GLY A 397 9.23 1.96 10.48
N ILE A 398 10.12 2.13 9.50
CA ILE A 398 11.47 1.56 9.57
C ILE A 398 12.39 2.56 10.28
N ILE A 399 13.20 2.05 11.21
CA ILE A 399 14.27 2.82 11.82
C ILE A 399 15.55 1.98 11.78
N LEU A 400 16.62 2.57 11.24
CA LEU A 400 17.91 1.90 11.14
C LEU A 400 18.81 2.36 12.29
N THR A 401 19.49 1.41 12.92
CA THR A 401 20.39 1.77 14.01
C THR A 401 21.66 2.45 13.48
N LYS A 402 22.17 1.98 12.33
CA LYS A 402 23.42 2.49 11.79
C LYS A 402 23.25 2.73 10.29
N LYS A 403 23.95 3.75 9.80
CA LYS A 403 23.88 4.08 8.38
C LYS A 403 24.59 3.02 7.54
N ILE A 404 23.98 2.68 6.41
CA ILE A 404 24.53 1.69 5.50
C ILE A 404 25.07 2.41 4.26
N THR A 405 25.85 1.67 3.46
CA THR A 405 26.37 2.14 2.20
C THR A 405 26.01 1.13 1.11
N LYS A 406 26.22 1.54 -0.14
CA LYS A 406 25.98 0.61 -1.26
C LYS A 406 26.90 -0.59 -1.19
N ASN A 407 28.04 -0.47 -0.51
CA ASN A 407 28.94 -1.61 -0.30
C ASN A 407 28.41 -2.57 0.74
N SER A 408 27.45 -2.16 1.56
CA SER A 408 26.84 -3.06 2.53
C SER A 408 25.99 -4.12 1.83
N ILE A 409 25.38 -3.77 0.71
CA ILE A 409 24.48 -4.66 -0.01
C ILE A 409 25.28 -5.41 -1.06
N ILE A 410 26.62 -5.31 -0.97
CA ILE A 410 27.49 -6.11 -1.81
C ILE A 410 27.35 -7.59 -1.42
N LEU A 411 27.69 -8.46 -2.37
CA LEU A 411 27.44 -9.91 -2.42
C LEU A 411 25.98 -10.21 -2.77
N ASP A 412 25.12 -9.20 -2.92
CA ASP A 412 23.88 -9.40 -3.63
C ASP A 412 24.13 -9.57 -5.13
N LYS A 413 25.18 -8.92 -5.63
CA LYS A 413 25.52 -9.00 -7.06
C LYS A 413 25.69 -10.44 -7.51
N LYS A 414 26.26 -11.29 -6.66
CA LYS A 414 26.51 -12.67 -7.05
C LYS A 414 25.22 -13.42 -7.29
N VAL A 415 24.28 -13.36 -6.34
CA VAL A 415 23.06 -14.17 -6.43
C VAL A 415 22.12 -13.62 -7.50
N VAL A 416 22.08 -12.29 -7.66
CA VAL A 416 21.13 -11.70 -8.59
C VAL A 416 21.39 -12.17 -10.02
N ASN A 417 22.65 -12.43 -10.36
CA ASN A 417 22.95 -12.98 -11.68
C ASN A 417 22.46 -14.42 -11.83
N PHE A 418 22.28 -15.14 -10.72
CA PHE A 418 21.67 -16.46 -10.79
C PHE A 418 20.16 -16.36 -10.91
N LEU A 419 19.54 -15.46 -10.12
CA LEU A 419 18.08 -15.37 -10.08
C LEU A 419 17.52 -14.89 -11.40
N THR A 420 18.29 -14.11 -12.16
CA THR A 420 17.83 -13.67 -13.48
C THR A 420 17.85 -14.79 -14.50
N ASN A 421 18.64 -15.85 -14.26
CA ASN A 421 18.66 -16.99 -15.16
C ASN A 421 17.34 -17.76 -15.15
N PHE A 422 16.52 -17.59 -14.13
CA PHE A 422 15.22 -18.25 -14.04
C PHE A 422 14.25 -17.59 -14.99
N GLN A 423 14.10 -18.16 -16.18
CA GLN A 423 13.19 -17.63 -17.18
C GLN A 423 12.36 -18.75 -17.81
N ASN B 6 -2.96 -1.09 -16.01
CA ASN B 6 -3.80 -1.64 -14.96
C ASN B 6 -5.01 -2.37 -15.53
N THR B 7 -5.47 -3.40 -14.83
CA THR B 7 -6.65 -4.14 -15.28
C THR B 7 -7.90 -3.26 -15.27
N GLU B 8 -7.99 -2.32 -14.31
CA GLU B 8 -9.08 -1.36 -14.29
C GLU B 8 -8.83 -0.17 -15.21
N PHE B 9 -7.60 0.01 -15.67
CA PHE B 9 -7.31 1.07 -16.65
C PHE B 9 -7.90 0.73 -18.00
N LYS B 10 -7.78 -0.53 -18.42
CA LYS B 10 -8.31 -0.95 -19.72
C LYS B 10 -9.83 -1.04 -19.69
N LYS B 11 -10.41 -1.37 -18.53
CA LYS B 11 -11.86 -1.49 -18.45
C LYS B 11 -12.55 -0.15 -18.60
N ALA B 12 -11.97 0.91 -18.02
CA ALA B 12 -12.57 2.24 -18.18
C ALA B 12 -12.28 2.84 -19.55
N ILE B 13 -11.10 2.55 -20.12
CA ILE B 13 -10.78 3.09 -21.44
C ILE B 13 -11.62 2.43 -22.52
N ASP B 14 -12.10 1.20 -22.29
CA ASP B 14 -13.00 0.55 -23.25
C ASP B 14 -14.38 1.18 -23.23
N LEU B 15 -14.94 1.39 -22.03
CA LEU B 15 -16.28 1.95 -21.89
C LEU B 15 -16.35 3.41 -22.31
N ALA B 16 -15.22 4.09 -22.45
CA ALA B 16 -15.21 5.50 -22.76
C ALA B 16 -14.79 5.82 -24.18
N THR B 17 -13.91 5.02 -24.78
CA THR B 17 -13.48 5.29 -26.15
C THR B 17 -14.21 4.48 -27.20
N ASN B 18 -14.69 3.28 -26.87
CA ASN B 18 -15.40 2.49 -27.88
C ASN B 18 -16.88 2.27 -27.56
N SER B 19 -17.21 1.76 -26.38
CA SER B 19 -18.61 1.64 -25.95
C SER B 19 -19.03 2.86 -25.12
N SER B 20 -18.93 4.04 -25.73
CA SER B 20 -19.08 5.29 -24.99
C SER B 20 -20.55 5.47 -24.58
N LYS B 21 -20.83 5.29 -23.29
CA LYS B 21 -22.18 5.54 -22.77
C LYS B 21 -22.12 5.90 -21.29
N ASN B 22 -22.30 7.19 -20.97
CA ASN B 22 -22.88 7.61 -19.69
C ASN B 22 -22.10 7.09 -18.48
N LEU B 23 -20.84 7.48 -18.38
CA LEU B 23 -19.93 6.85 -17.42
C LEU B 23 -19.60 7.76 -16.25
N PHE B 24 -18.98 7.16 -15.23
CA PHE B 24 -18.70 7.84 -13.96
C PHE B 24 -17.47 7.20 -13.33
N ILE B 25 -16.35 7.94 -13.27
CA ILE B 25 -15.11 7.42 -12.69
C ILE B 25 -15.01 7.85 -11.24
N THR B 26 -14.44 6.99 -10.39
CA THR B 26 -14.25 7.32 -8.98
C THR B 26 -13.02 6.63 -8.42
N GLY B 27 -12.75 6.90 -7.13
CA GLY B 27 -11.78 6.21 -6.31
C GLY B 27 -10.97 7.15 -5.44
N LYS B 28 -9.66 6.91 -5.31
CA LYS B 28 -8.77 7.88 -4.67
C LYS B 28 -7.45 8.02 -5.42
N ALA B 29 -7.30 7.35 -6.57
CA ALA B 29 -6.00 7.25 -7.25
C ALA B 29 -5.28 8.60 -7.35
N GLY B 30 -6.02 9.67 -7.60
CA GLY B 30 -5.37 10.94 -7.81
C GLY B 30 -4.67 10.93 -9.16
N THR B 31 -3.34 10.92 -9.12
CA THR B 31 -2.55 10.87 -10.35
C THR B 31 -3.03 9.76 -11.29
N GLY B 32 -3.49 8.64 -10.75
CA GLY B 32 -4.09 7.60 -11.56
C GLY B 32 -5.21 8.08 -12.46
N LYS B 33 -6.27 8.66 -11.86
CA LYS B 33 -7.28 9.37 -12.63
C LYS B 33 -6.65 10.36 -13.60
N SER B 34 -5.75 11.22 -13.08
CA SER B 34 -5.11 12.23 -13.90
C SER B 34 -4.44 11.61 -15.12
N THR B 35 -3.51 10.69 -14.90
CA THR B 35 -2.79 10.07 -16.01
C THR B 35 -3.74 9.41 -16.99
N PHE B 36 -4.78 8.73 -16.50
CA PHE B 36 -5.77 8.15 -17.40
C PHE B 36 -6.42 9.23 -18.26
N LEU B 37 -6.70 10.39 -17.67
CA LEU B 37 -7.25 11.50 -18.43
C LEU B 37 -6.19 12.10 -19.37
N LYS B 38 -4.93 12.12 -18.95
CA LYS B 38 -3.88 12.61 -19.81
C LYS B 38 -3.68 11.69 -21.00
N TYR B 39 -3.80 10.38 -20.78
CA TYR B 39 -3.65 9.41 -21.85
C TYR B 39 -4.80 9.44 -22.85
N LEU B 40 -5.99 9.90 -22.42
CA LEU B 40 -7.11 9.97 -23.34
C LEU B 40 -6.94 11.10 -24.35
N ILE B 41 -6.73 12.33 -23.84
CA ILE B 41 -6.67 13.49 -24.72
C ILE B 41 -5.46 13.41 -25.65
N ASN B 42 -4.26 13.32 -25.08
CA ASN B 42 -3.04 13.22 -25.85
C ASN B 42 -2.48 11.80 -25.77
N GLU B 43 -1.58 11.49 -26.70
CA GLU B 43 -1.04 10.14 -26.88
C GLU B 43 -2.15 9.14 -27.21
N LEU B 44 -3.23 9.63 -27.82
CA LEU B 44 -4.38 8.82 -28.19
C LEU B 44 -5.29 9.66 -29.06
N LEU B 45 -6.00 9.00 -29.97
CA LEU B 45 -6.97 9.66 -30.84
C LEU B 45 -8.23 9.96 -30.04
N PHE B 46 -8.40 11.22 -29.64
CA PHE B 46 -9.59 11.61 -28.92
C PHE B 46 -9.87 13.09 -29.17
N ASP B 47 -11.16 13.45 -29.16
CA ASP B 47 -11.54 14.85 -29.30
C ASP B 47 -12.82 15.14 -28.52
N ALA B 48 -12.72 15.86 -27.41
CA ALA B 48 -13.81 16.72 -26.91
C ALA B 48 -13.31 17.48 -25.68
N VAL B 49 -14.09 18.48 -25.27
CA VAL B 49 -13.68 19.41 -24.21
C VAL B 49 -13.65 18.70 -22.86
N VAL B 50 -12.83 19.26 -21.95
CA VAL B 50 -12.74 18.81 -20.57
C VAL B 50 -12.95 20.01 -19.65
N LEU B 51 -13.88 19.90 -18.71
CA LEU B 51 -14.26 21.01 -17.85
C LEU B 51 -13.99 20.71 -16.39
N ALA B 52 -13.89 21.78 -15.60
CA ALA B 52 -13.69 21.71 -14.15
C ALA B 52 -14.52 22.81 -13.50
N PRO B 53 -14.93 22.62 -12.22
CA PRO B 53 -15.78 23.61 -11.56
C PRO B 53 -15.09 24.96 -11.34
N THR B 54 -13.88 24.95 -10.79
CA THR B 54 -13.17 26.17 -10.47
C THR B 54 -12.00 26.37 -11.42
N GLY B 55 -11.49 27.61 -11.44
CA GLY B 55 -10.40 27.94 -12.34
C GLY B 55 -9.11 27.22 -11.98
N VAL B 56 -8.83 27.09 -10.68
CA VAL B 56 -7.63 26.38 -10.26
C VAL B 56 -7.73 24.90 -10.59
N ALA B 57 -8.94 24.32 -10.47
CA ALA B 57 -9.13 22.93 -10.85
C ALA B 57 -8.91 22.72 -12.34
N ALA B 58 -9.37 23.67 -13.16
CA ALA B 58 -9.23 23.54 -14.61
C ALA B 58 -7.78 23.70 -15.06
N ILE B 59 -7.00 24.53 -14.37
CA ILE B 59 -5.61 24.72 -14.73
C ILE B 59 -4.81 23.45 -14.48
N ASN B 60 -5.08 22.77 -13.35
CA ASN B 60 -4.37 21.53 -13.04
C ASN B 60 -4.69 20.44 -14.06
N ILE B 61 -5.95 20.37 -14.51
CA ILE B 61 -6.38 19.31 -15.41
C ILE B 61 -6.22 19.70 -16.88
N GLY B 62 -5.68 20.88 -17.16
CA GLY B 62 -5.53 21.32 -18.54
C GLY B 62 -6.82 21.54 -19.28
N GLY B 63 -7.89 21.90 -18.57
CA GLY B 63 -9.16 22.21 -19.20
C GLY B 63 -9.55 23.65 -18.95
N GLU B 64 -10.85 23.95 -18.99
CA GLU B 64 -11.33 25.29 -18.69
C GLU B 64 -12.59 25.18 -17.85
N THR B 65 -12.91 26.28 -17.17
CA THR B 65 -14.04 26.31 -16.24
C THR B 65 -15.34 25.95 -16.94
N ILE B 66 -16.26 25.36 -16.18
CA ILE B 66 -17.61 25.14 -16.69
C ILE B 66 -18.26 26.47 -17.04
N HIS B 67 -18.12 27.46 -16.15
CA HIS B 67 -18.70 28.78 -16.40
C HIS B 67 -18.02 29.47 -17.57
N SER B 68 -16.71 29.30 -17.71
CA SER B 68 -15.99 29.88 -18.84
C SER B 68 -16.40 29.25 -20.15
N PHE B 69 -16.57 27.92 -20.16
CA PHE B 69 -16.88 27.22 -21.41
C PHE B 69 -18.27 27.56 -21.91
N PHE B 70 -19.27 27.55 -21.02
CA PHE B 70 -20.64 27.82 -21.41
C PHE B 70 -21.00 29.29 -21.32
N ASN B 71 -20.05 30.16 -20.99
CA ASN B 71 -20.27 31.59 -20.85
C ASN B 71 -21.33 31.89 -19.79
N PHE B 72 -21.43 31.01 -18.80
CA PHE B 72 -22.39 31.20 -17.72
C PHE B 72 -22.00 32.42 -16.88
N PRO B 73 -22.97 33.26 -16.51
CA PRO B 73 -22.70 34.27 -15.49
C PRO B 73 -22.58 33.63 -14.11
N ILE B 74 -22.04 34.41 -13.18
CA ILE B 74 -21.84 33.90 -11.82
C ILE B 74 -23.19 33.52 -11.19
N ASN B 75 -24.22 34.33 -11.44
CA ASN B 75 -25.53 34.14 -10.84
C ASN B 75 -26.41 33.15 -11.58
N ILE B 76 -25.84 32.31 -12.45
CA ILE B 76 -26.66 31.46 -13.32
C ILE B 76 -27.41 30.42 -12.48
N THR B 77 -28.68 30.23 -12.81
CA THR B 77 -29.58 29.29 -12.17
C THR B 77 -30.30 28.51 -13.25
N PRO B 78 -30.77 27.30 -12.95
CA PRO B 78 -31.45 26.49 -13.98
C PRO B 78 -32.71 27.15 -14.53
N ASP B 79 -33.26 28.15 -13.84
CA ASP B 79 -34.40 28.88 -14.40
C ASP B 79 -33.99 29.94 -15.41
N LYS B 80 -32.74 30.41 -15.36
CA LYS B 80 -32.28 31.44 -16.28
C LYS B 80 -31.76 30.92 -17.61
N ILE B 81 -31.56 29.61 -17.74
CA ILE B 81 -31.01 29.05 -18.97
C ILE B 81 -32.02 29.12 -20.11
N PRO B 82 -33.27 28.63 -19.99
CA PRO B 82 -34.17 28.68 -21.15
C PRO B 82 -34.34 30.08 -21.73
N ASP B 83 -34.10 31.14 -20.95
CA ASP B 83 -34.20 32.52 -21.42
C ASP B 83 -32.83 33.17 -21.62
N LEU B 84 -31.81 32.40 -21.96
CA LEU B 84 -30.44 32.88 -21.93
C LEU B 84 -29.92 33.25 -23.32
N PHE B 85 -28.76 33.88 -23.32
CA PHE B 85 -28.03 34.34 -24.51
C PHE B 85 -27.23 33.17 -25.06
N ILE B 86 -27.70 32.55 -26.14
CA ILE B 86 -26.87 31.54 -26.78
C ILE B 86 -26.44 31.99 -28.16
N TYR B 87 -25.25 32.60 -28.26
CA TYR B 87 -24.56 32.81 -29.52
C TYR B 87 -23.65 31.63 -29.84
N ASP B 88 -22.89 31.77 -30.92
CA ASP B 88 -21.95 30.75 -31.42
C ASP B 88 -22.55 29.35 -31.31
N TYR B 89 -23.77 29.21 -31.80
CA TYR B 89 -24.54 28.00 -31.55
C TYR B 89 -23.93 26.78 -32.24
N GLU B 90 -23.25 26.97 -33.37
CA GLU B 90 -22.70 25.82 -34.08
C GLU B 90 -21.54 25.17 -33.33
N ILE B 91 -20.79 25.94 -32.52
CA ILE B 91 -19.63 25.35 -31.87
C ILE B 91 -20.05 24.34 -30.80
N TYR B 92 -21.19 24.56 -30.15
CA TYR B 92 -21.68 23.57 -29.20
C TYR B 92 -22.14 22.29 -29.89
N LYS B 93 -22.40 22.33 -31.19
CA LYS B 93 -22.59 21.14 -31.99
C LYS B 93 -21.23 20.51 -32.29
N TYR B 94 -21.27 19.29 -32.82
CA TYR B 94 -20.11 18.51 -33.26
C TYR B 94 -19.31 17.93 -32.10
N VAL B 95 -19.70 18.19 -30.86
CA VAL B 95 -18.99 17.69 -29.68
C VAL B 95 -19.58 16.34 -29.28
N ASN B 96 -18.73 15.37 -28.99
CA ASN B 96 -19.29 14.11 -28.50
C ASN B 96 -18.91 13.76 -27.07
N THR B 97 -17.62 13.76 -26.72
CA THR B 97 -17.19 13.29 -25.39
C THR B 97 -16.99 14.46 -24.42
N ILE B 98 -18.08 15.02 -23.91
CA ILE B 98 -17.95 16.16 -23.01
C ILE B 98 -17.77 15.60 -21.61
N ILE B 99 -16.55 15.74 -21.07
CA ILE B 99 -16.19 15.14 -19.79
C ILE B 99 -15.82 16.25 -18.81
N ILE B 100 -16.34 16.12 -17.59
CA ILE B 100 -16.06 17.06 -16.52
C ILE B 100 -15.23 16.36 -15.44
N ASP B 101 -14.37 17.13 -14.79
CA ASP B 101 -13.50 16.64 -13.72
C ASP B 101 -13.91 17.28 -12.40
N GLU B 102 -13.67 16.56 -11.30
CA GLU B 102 -14.00 17.00 -9.95
C GLU B 102 -15.50 17.28 -9.80
N ILE B 103 -16.29 16.27 -10.14
CA ILE B 103 -17.75 16.41 -10.14
C ILE B 103 -18.28 16.72 -8.74
N SER B 104 -17.65 16.15 -7.71
CA SER B 104 -18.14 16.31 -6.35
C SER B 104 -18.22 17.78 -5.96
N MET B 105 -17.40 18.63 -6.58
CA MET B 105 -17.35 20.04 -6.22
C MET B 105 -18.41 20.87 -6.93
N VAL B 106 -18.95 20.38 -8.05
CA VAL B 106 -19.96 21.13 -8.78
C VAL B 106 -21.27 21.08 -8.01
N ARG B 107 -22.02 22.18 -8.03
CA ARG B 107 -23.27 22.25 -7.29
C ARG B 107 -24.39 21.55 -8.06
N ALA B 108 -25.52 21.36 -7.37
CA ALA B 108 -26.65 20.68 -7.99
C ALA B 108 -27.28 21.53 -9.09
N ASP B 109 -27.53 22.81 -8.80
CA ASP B 109 -28.15 23.67 -9.80
C ASP B 109 -27.22 23.91 -10.98
N LEU B 110 -25.91 24.06 -10.72
CA LEU B 110 -24.96 24.28 -11.79
C LEU B 110 -24.89 23.09 -12.75
N LEU B 111 -25.05 21.87 -12.21
CA LEU B 111 -25.03 20.69 -13.08
C LEU B 111 -26.29 20.59 -13.91
N ASP B 112 -27.45 20.99 -13.36
CA ASP B 112 -28.67 21.01 -14.14
C ASP B 112 -28.67 22.12 -15.18
N CYS B 113 -27.89 23.19 -14.96
CA CYS B 113 -27.73 24.21 -15.99
C CYS B 113 -27.06 23.63 -17.23
N ILE B 114 -26.08 22.75 -17.05
CA ILE B 114 -25.41 22.11 -18.17
C ILE B 114 -26.37 21.23 -18.95
N ASP B 115 -27.24 20.50 -18.25
CA ASP B 115 -28.21 19.64 -18.91
C ASP B 115 -29.17 20.45 -19.75
N LEU B 116 -29.75 21.51 -19.16
CA LEU B 116 -30.70 22.33 -19.90
C LEU B 116 -30.04 23.08 -21.04
N PHE B 117 -28.79 23.51 -20.87
CA PHE B 117 -28.06 24.15 -21.96
C PHE B 117 -27.83 23.18 -23.11
N LEU B 118 -27.40 21.95 -22.78
CA LEU B 118 -27.15 20.96 -23.82
C LEU B 118 -28.45 20.48 -24.48
N LYS B 119 -29.55 20.46 -23.73
CA LYS B 119 -30.83 20.06 -24.31
C LYS B 119 -31.30 21.03 -25.38
N ARG B 120 -30.88 22.29 -25.33
CA ARG B 120 -31.24 23.25 -26.36
C ARG B 120 -30.45 23.01 -27.63
N VAL B 121 -29.12 23.06 -27.54
CA VAL B 121 -28.26 22.99 -28.73
C VAL B 121 -28.18 21.58 -29.31
N LYS B 122 -28.80 20.60 -28.67
CA LYS B 122 -28.78 19.20 -29.07
C LYS B 122 -30.17 18.63 -28.83
N ASN B 123 -30.31 17.32 -28.92
CA ASN B 123 -31.61 16.67 -28.81
C ASN B 123 -32.27 17.00 -27.47
N PRO B 124 -33.43 17.65 -27.46
CA PRO B 124 -33.98 18.18 -26.21
C PRO B 124 -34.61 17.16 -25.28
N LYS B 125 -34.71 15.90 -25.69
CA LYS B 125 -35.31 14.86 -24.86
C LYS B 125 -34.28 13.99 -24.16
N LEU B 126 -33.16 13.70 -24.82
CA LEU B 126 -32.11 12.88 -24.23
C LEU B 126 -31.41 13.68 -23.13
N PRO B 127 -30.90 13.01 -22.09
CA PRO B 127 -30.19 13.73 -21.02
C PRO B 127 -28.91 14.35 -21.55
N PHE B 128 -28.69 15.62 -21.17
CA PHE B 128 -27.51 16.39 -21.60
C PHE B 128 -27.44 16.51 -23.11
N GLY B 129 -28.60 16.60 -23.78
CA GLY B 129 -28.63 16.67 -25.22
C GLY B 129 -28.13 15.43 -25.93
N GLY B 130 -27.89 14.34 -25.22
CA GLY B 130 -27.43 13.10 -25.81
C GLY B 130 -25.94 12.98 -26.03
N THR B 131 -25.14 13.87 -25.44
CA THR B 131 -23.70 13.81 -25.60
C THR B 131 -23.07 13.01 -24.46
N LYS B 132 -21.91 12.43 -24.75
CA LYS B 132 -21.23 11.54 -23.81
C LYS B 132 -20.77 12.31 -22.57
N MET B 133 -21.25 11.89 -21.40
CA MET B 133 -20.88 12.49 -20.12
C MET B 133 -19.95 11.53 -19.38
N ILE B 134 -18.68 11.90 -19.28
CA ILE B 134 -17.69 11.17 -18.49
C ILE B 134 -17.34 12.01 -17.27
N PHE B 135 -17.53 11.44 -16.08
CA PHE B 135 -17.33 12.15 -14.83
C PHE B 135 -16.08 11.63 -14.12
N ILE B 136 -15.23 12.55 -13.65
CA ILE B 136 -13.95 12.20 -13.03
C ILE B 136 -13.93 12.80 -11.63
N GLY B 137 -12.85 12.55 -10.88
CA GLY B 137 -12.72 13.04 -9.53
C GLY B 137 -13.02 12.00 -8.47
N ASP B 138 -13.26 12.49 -7.26
CA ASP B 138 -13.49 11.68 -6.07
C ASP B 138 -14.90 11.87 -5.58
N LEU B 139 -15.56 10.77 -5.19
CA LEU B 139 -16.96 10.82 -4.81
C LEU B 139 -17.15 11.39 -3.40
N TYR B 140 -16.17 11.22 -2.53
CA TYR B 140 -16.31 11.50 -1.11
C TYR B 140 -15.59 12.79 -0.71
N GLN B 141 -15.60 13.79 -1.60
CA GLN B 141 -15.02 15.09 -1.35
C GLN B 141 -16.02 16.05 -0.72
N LEU B 142 -17.24 16.14 -1.27
CA LEU B 142 -18.37 16.83 -0.65
C LEU B 142 -18.04 18.21 -0.08
N PRO B 143 -17.75 19.19 -0.93
CA PRO B 143 -17.34 20.54 -0.47
C PRO B 143 -18.27 21.08 0.61
N PRO B 144 -17.77 21.99 1.45
CA PRO B 144 -18.46 22.34 2.69
C PRO B 144 -19.63 23.30 2.49
N VAL B 145 -20.68 23.09 3.28
CA VAL B 145 -21.87 23.92 3.24
C VAL B 145 -22.07 24.58 4.60
N LEU B 146 -23.09 25.43 4.71
CA LEU B 146 -23.34 26.20 5.92
C LEU B 146 -23.52 25.30 7.15
N GLU B 157 -36.69 25.19 -5.48
CA GLU B 157 -36.19 24.85 -4.16
C GLU B 157 -35.46 23.52 -4.17
N TYR B 158 -34.21 23.52 -3.70
CA TYR B 158 -33.33 22.36 -3.71
C TYR B 158 -33.22 21.76 -2.32
N GLU B 159 -33.28 20.42 -2.27
CA GLU B 159 -33.20 19.73 -0.99
C GLU B 159 -31.78 19.77 -0.43
N SER B 160 -30.78 19.71 -1.30
CA SER B 160 -29.39 19.81 -0.91
C SER B 160 -28.62 20.41 -2.08
N PRO B 161 -27.51 21.11 -1.82
CA PRO B 161 -26.72 21.67 -2.91
C PRO B 161 -25.75 20.70 -3.57
N TYR B 162 -25.60 19.50 -3.01
CA TYR B 162 -24.59 18.58 -3.50
C TYR B 162 -24.96 18.03 -4.87
N PHE B 163 -23.93 17.54 -5.58
CA PHE B 163 -24.07 17.18 -6.99
C PHE B 163 -25.17 16.15 -7.21
N PHE B 164 -25.32 15.19 -6.30
CA PHE B 164 -26.27 14.11 -6.51
C PHE B 164 -27.72 14.58 -6.54
N SER B 165 -28.00 15.78 -6.02
CA SER B 165 -29.35 16.31 -6.01
C SER B 165 -29.80 16.85 -7.37
N ALA B 166 -28.98 16.67 -8.41
CA ALA B 166 -29.37 17.13 -9.74
C ALA B 166 -30.47 16.25 -10.31
N LYS B 167 -31.52 16.90 -10.82
CA LYS B 167 -32.66 16.17 -11.38
C LYS B 167 -32.31 15.40 -12.64
N VAL B 168 -31.23 15.78 -13.33
CA VAL B 168 -30.83 15.09 -14.54
C VAL B 168 -30.47 13.64 -14.27
N PHE B 169 -30.07 13.31 -13.04
CA PHE B 169 -29.69 11.94 -12.70
C PHE B 169 -30.87 10.98 -12.66
N LYS B 170 -32.10 11.48 -12.82
CA LYS B 170 -33.26 10.60 -12.83
C LYS B 170 -33.51 9.97 -14.19
N GLU B 171 -32.72 10.30 -15.21
CA GLU B 171 -32.88 9.76 -16.55
C GLU B 171 -31.54 9.35 -17.15
N MET B 172 -30.69 8.69 -16.35
CA MET B 172 -29.35 8.37 -16.80
C MET B 172 -28.88 7.07 -16.15
N ASP B 173 -27.71 6.61 -16.56
CA ASP B 173 -27.18 5.30 -16.20
C ASP B 173 -25.98 5.43 -15.27
N MET B 174 -25.75 4.39 -14.49
CA MET B 174 -24.79 4.38 -13.39
C MET B 174 -23.65 3.42 -13.67
N GLU B 175 -22.42 3.85 -13.38
CA GLU B 175 -21.22 3.03 -13.56
C GLU B 175 -20.33 3.15 -12.33
N PHE B 176 -20.10 2.02 -11.67
CA PHE B 176 -19.31 1.93 -10.44
C PHE B 176 -17.81 2.11 -10.65
N ILE B 177 -17.34 2.10 -11.91
CA ILE B 177 -15.93 1.89 -12.22
C ILE B 177 -15.03 2.75 -11.35
N GLU B 178 -14.04 2.11 -10.73
CA GLU B 178 -13.12 2.70 -9.77
C GLU B 178 -11.70 2.69 -10.32
N PHE B 179 -10.81 3.37 -9.62
CA PHE B 179 -9.37 3.18 -9.81
C PHE B 179 -8.73 3.04 -8.44
N GLU B 180 -8.16 1.86 -8.18
CA GLU B 180 -7.48 1.56 -6.94
C GLU B 180 -6.06 1.14 -7.30
N THR B 181 -5.18 2.13 -7.38
CA THR B 181 -3.81 1.97 -7.82
C THR B 181 -2.95 2.99 -7.10
N ILE B 182 -1.72 3.18 -7.58
CA ILE B 182 -0.65 3.67 -6.72
C ILE B 182 -1.02 4.98 -6.05
N TYR B 183 -1.04 4.95 -4.72
CA TYR B 183 -0.50 5.93 -3.79
C TYR B 183 -0.09 5.12 -2.57
N ARG B 184 0.18 5.78 -1.45
CA ARG B 184 0.75 5.08 -0.32
C ARG B 184 -0.17 5.10 0.90
N GLN B 185 -1.47 4.92 0.67
CA GLN B 185 -2.43 4.65 1.75
C GLN B 185 -2.08 3.34 2.45
N SER B 186 -1.65 3.40 3.71
CA SER B 186 -0.95 2.24 4.24
C SER B 186 -1.63 1.50 5.39
N ASP B 187 -2.01 2.21 6.46
CA ASP B 187 -1.85 1.63 7.80
C ASP B 187 -2.70 0.38 8.06
N LYS B 188 -3.82 0.20 7.37
CA LYS B 188 -4.78 -0.89 7.49
C LYS B 188 -5.63 -0.75 8.75
N LEU B 189 -5.34 0.24 9.58
CA LEU B 189 -6.22 0.68 10.66
C LEU B 189 -6.78 2.06 10.38
N PHE B 190 -5.88 3.00 10.10
CA PHE B 190 -6.24 4.31 9.58
C PHE B 190 -7.15 4.17 8.36
N ILE B 191 -6.85 3.22 7.48
CA ILE B 191 -7.69 2.99 6.30
C ILE B 191 -9.08 2.52 6.71
N ASP B 192 -9.16 1.61 7.69
CA ASP B 192 -10.45 1.12 8.12
C ASP B 192 -11.21 2.18 8.91
N ILE B 193 -10.50 3.01 9.68
CA ILE B 193 -11.16 4.12 10.36
C ILE B 193 -11.72 5.12 9.35
N LEU B 194 -10.94 5.39 8.29
CA LEU B 194 -11.44 6.27 7.23
C LEU B 194 -12.65 5.66 6.55
N ASN B 195 -12.67 4.33 6.40
CA ASN B 195 -13.81 3.67 5.77
C ASN B 195 -15.08 3.87 6.59
N ARG B 196 -14.98 3.75 7.91
CA ARG B 196 -16.17 3.86 8.76
C ARG B 196 -16.67 5.30 8.86
N ILE B 197 -15.76 6.28 8.82
CA ILE B 197 -16.19 7.67 8.76
C ILE B 197 -16.91 7.93 7.44
N ARG B 198 -16.40 7.35 6.35
CA ARG B 198 -17.08 7.43 5.06
C ARG B 198 -18.47 6.80 5.13
N ASN B 199 -18.56 5.60 5.71
CA ASN B 199 -19.82 4.91 5.86
C ASN B 199 -20.69 5.46 6.99
N ASN B 200 -20.17 6.38 7.79
CA ASN B 200 -20.86 6.91 8.97
C ASN B 200 -21.20 5.79 9.95
N THR B 201 -20.32 4.81 10.05
CA THR B 201 -20.44 3.70 10.99
C THR B 201 -19.33 3.73 12.02
N VAL B 202 -18.91 4.93 12.41
CA VAL B 202 -17.81 5.10 13.36
C VAL B 202 -18.21 4.53 14.72
N THR B 203 -17.33 3.74 15.30
CA THR B 203 -17.50 3.19 16.64
C THR B 203 -16.81 4.09 17.66
N ASP B 204 -17.12 3.84 18.94
CA ASP B 204 -16.45 4.58 20.00
C ASP B 204 -14.98 4.23 20.08
N GLU B 205 -14.61 3.01 19.69
CA GLU B 205 -13.20 2.62 19.68
C GLU B 205 -12.42 3.45 18.66
N ASP B 206 -13.04 3.77 17.52
CA ASP B 206 -12.41 4.64 16.54
C ASP B 206 -12.15 6.03 17.12
N ILE B 207 -13.15 6.59 17.81
CA ILE B 207 -12.99 7.90 18.40
C ILE B 207 -11.92 7.87 19.49
N LYS B 208 -11.84 6.77 20.22
CA LYS B 208 -10.76 6.59 21.20
C LYS B 208 -9.40 6.62 20.51
N ILE B 209 -9.29 5.96 19.36
CA ILE B 209 -8.04 5.97 18.61
C ILE B 209 -7.72 7.36 18.08
N ILE B 210 -8.73 8.02 17.51
CA ILE B 210 -8.51 9.34 16.92
C ILE B 210 -8.14 10.35 18.01
N ASN B 211 -8.86 10.33 19.14
CA ASN B 211 -8.54 11.23 20.23
C ASN B 211 -7.18 10.95 20.85
N SER B 212 -6.63 9.74 20.68
CA SER B 212 -5.29 9.47 21.17
C SER B 212 -4.24 10.34 20.49
N ARG B 213 -4.55 10.90 19.33
CA ARG B 213 -3.65 11.77 18.61
C ARG B 213 -3.72 13.22 19.08
N VAL B 214 -4.56 13.53 20.06
CA VAL B 214 -4.71 14.91 20.51
C VAL B 214 -3.48 15.35 21.29
N GLN B 215 -3.01 16.56 21.01
CA GLN B 215 -1.88 17.13 21.72
C GLN B 215 -2.08 18.64 21.82
N ASP B 216 -2.07 19.16 23.05
CA ASP B 216 -2.12 20.60 23.25
C ASP B 216 -0.74 21.24 23.08
N LYS B 217 0.33 20.44 23.09
CA LYS B 217 1.68 20.92 22.90
C LYS B 217 2.37 20.07 21.85
N ILE B 218 3.28 20.69 21.11
CA ILE B 218 4.18 19.97 20.20
C ILE B 218 5.57 20.56 20.36
N ASP B 219 6.53 19.73 20.72
CA ASP B 219 7.86 20.25 21.04
C ASP B 219 8.76 20.39 19.83
N ASN B 220 8.55 19.60 18.78
CA ASN B 220 9.45 19.69 17.62
C ASN B 220 8.96 20.67 16.56
N ASP B 221 7.76 20.44 16.04
CA ASP B 221 7.03 21.29 15.09
C ASP B 221 7.61 21.21 13.69
N ASP B 222 8.71 20.48 13.49
CA ASP B 222 9.36 20.40 12.19
C ASP B 222 8.63 19.42 11.27
N GLY B 223 8.36 19.87 10.05
CA GLY B 223 7.75 19.02 9.04
C GLY B 223 6.24 18.97 9.08
N TYR B 224 5.62 19.44 10.17
CA TYR B 224 4.19 19.39 10.31
C TYR B 224 3.54 20.59 9.63
N ILE B 225 2.43 20.35 8.95
CA ILE B 225 1.65 21.40 8.31
C ILE B 225 0.31 21.51 9.02
N TYR B 226 -0.07 22.74 9.38
CA TYR B 226 -1.28 23.00 10.15
C TYR B 226 -2.46 23.09 9.18
N ILE B 227 -3.35 22.11 9.24
CA ILE B 227 -4.52 22.06 8.37
C ILE B 227 -5.71 22.63 9.13
N THR B 228 -6.23 23.75 8.65
CA THR B 228 -7.40 24.40 9.24
C THR B 228 -8.45 24.63 8.15
N THR B 229 -9.61 25.12 8.57
CA THR B 229 -10.67 25.51 7.65
C THR B 229 -10.70 27.01 7.40
N VAL B 230 -10.22 27.80 8.35
CA VAL B 230 -10.25 29.26 8.27
C VAL B 230 -9.15 29.71 7.32
N ASN B 231 -9.54 30.23 6.16
CA ASN B 231 -8.57 30.76 5.20
C ASN B 231 -7.74 31.88 5.82
N LYS B 232 -8.32 32.64 6.75
CA LYS B 232 -7.58 33.69 7.43
C LYS B 232 -6.48 33.11 8.32
N LYS B 233 -6.80 32.09 9.11
CA LYS B 233 -5.86 31.57 10.10
C LYS B 233 -4.63 30.96 9.44
N ALA B 234 -4.83 30.25 8.31
CA ALA B 234 -3.69 29.64 7.62
C ALA B 234 -2.72 30.69 7.12
N GLU B 235 -3.24 31.79 6.56
CA GLU B 235 -2.38 32.86 6.05
C GLU B 235 -1.57 33.49 7.18
N GLU B 236 -2.21 33.71 8.33
CA GLU B 236 -1.51 34.31 9.47
C GLU B 236 -0.36 33.43 9.94
N ILE B 237 -0.57 32.11 9.95
CA ILE B 237 0.46 31.20 10.44
C ILE B 237 1.68 31.22 9.53
N ASN B 238 1.46 31.12 8.21
CA ASN B 238 2.57 31.13 7.27
C ASN B 238 3.37 32.43 7.38
N ASN B 239 2.66 33.57 7.43
CA ASN B 239 3.34 34.86 7.53
C ASN B 239 4.06 35.01 8.86
N GLN B 240 3.46 34.53 9.96
CA GLN B 240 4.12 34.62 11.25
C GLN B 240 5.35 33.75 11.31
N LYS B 241 5.28 32.55 10.73
CA LYS B 241 6.44 31.66 10.73
C LYS B 241 7.57 32.19 9.86
N LEU B 242 7.24 32.91 8.79
CA LEU B 242 8.26 33.49 7.93
C LEU B 242 8.90 34.73 8.54
N ASP B 243 8.14 35.50 9.31
CA ASP B 243 8.70 36.68 9.97
C ASP B 243 9.70 36.28 11.03
N LYS B 244 9.41 35.24 11.80
CA LYS B 244 10.31 34.75 12.84
C LYS B 244 11.55 34.04 12.30
N LEU B 245 11.72 34.03 10.98
CA LEU B 245 12.90 33.44 10.36
C LEU B 245 13.91 34.54 10.05
N LYS B 246 15.17 34.31 10.44
CA LYS B 246 16.23 35.26 10.14
C LYS B 246 16.74 35.04 8.72
N GLY B 247 17.26 36.10 8.12
CA GLY B 247 17.78 36.03 6.76
C GLY B 247 17.06 36.96 5.80
N LYS B 248 17.70 37.24 4.67
CA LYS B 248 17.11 38.15 3.69
C LYS B 248 15.81 37.60 3.14
N LEU B 249 14.84 38.49 2.94
CA LEU B 249 13.57 38.14 2.31
C LEU B 249 13.70 38.25 0.80
N TYR B 250 13.35 37.18 0.09
CA TYR B 250 13.43 37.15 -1.36
C TYR B 250 12.03 37.28 -1.95
N LYS B 251 11.90 38.14 -2.95
CA LYS B 251 10.64 38.38 -3.64
C LYS B 251 10.81 37.98 -5.11
N LEU B 252 10.35 36.78 -5.44
CA LEU B 252 10.42 36.27 -6.81
C LEU B 252 9.11 36.52 -7.52
N ASN B 253 9.20 37.01 -8.76
CA ASN B 253 8.04 37.49 -9.50
C ASN B 253 7.68 36.50 -10.60
N GLY B 254 6.39 36.18 -10.69
CA GLY B 254 5.90 35.30 -11.74
C GLY B 254 5.56 36.08 -13.00
N THR B 255 5.93 35.49 -14.14
CA THR B 255 5.69 36.10 -15.44
C THR B 255 4.31 35.68 -15.95
N LEU B 256 3.45 36.65 -16.20
CA LEU B 256 2.06 36.42 -16.58
C LEU B 256 1.88 36.78 -18.05
N LYS B 257 1.99 35.77 -18.91
CA LYS B 257 1.83 35.96 -20.35
C LYS B 257 0.36 35.79 -20.75
N GLY B 258 -0.03 36.55 -21.78
CA GLY B 258 -1.35 36.40 -22.37
C GLY B 258 -2.48 36.70 -21.42
N ASN B 259 -3.56 35.93 -21.55
CA ASN B 259 -4.80 36.13 -20.80
C ASN B 259 -4.94 35.02 -19.77
N PHE B 260 -4.50 35.29 -18.54
CA PHE B 260 -4.56 34.33 -17.45
C PHE B 260 -5.34 34.93 -16.29
N ASP B 261 -6.10 34.07 -15.59
CA ASP B 261 -6.89 34.50 -14.45
C ASP B 261 -5.99 34.66 -13.24
N GLU B 262 -5.79 35.90 -12.80
CA GLU B 262 -4.99 36.15 -11.60
C GLU B 262 -5.67 35.66 -10.33
N ASN B 263 -6.98 35.38 -10.38
CA ASN B 263 -7.68 34.80 -9.24
C ASN B 263 -7.53 33.29 -9.15
N SER B 264 -6.82 32.67 -10.10
CA SER B 264 -6.65 31.23 -10.14
C SER B 264 -5.18 30.83 -10.13
N LEU B 265 -4.32 31.69 -9.61
CA LEU B 265 -2.88 31.38 -9.58
C LEU B 265 -2.63 30.23 -8.61
N PRO B 266 -1.88 29.20 -9.02
CA PRO B 266 -1.56 28.12 -8.07
C PRO B 266 -0.68 28.59 -6.92
N THR B 267 0.25 29.50 -7.19
CA THR B 267 1.12 30.09 -6.19
C THR B 267 1.17 31.59 -6.45
N PRO B 268 1.37 32.40 -5.41
CA PRO B 268 1.28 33.86 -5.59
C PRO B 268 2.28 34.38 -6.61
N LYS B 269 1.87 35.43 -7.32
CA LYS B 269 2.76 36.07 -8.29
C LYS B 269 3.96 36.72 -7.58
N ASN B 270 3.78 37.18 -6.36
CA ASN B 270 4.84 37.77 -5.55
C ASN B 270 5.15 36.76 -4.44
N LEU B 271 6.10 35.88 -4.71
CA LEU B 271 6.44 34.80 -3.78
C LEU B 271 7.51 35.31 -2.82
N HIS B 272 7.15 35.45 -1.55
CA HIS B 272 8.07 35.89 -0.50
C HIS B 272 8.61 34.66 0.21
N LEU B 273 9.91 34.42 0.10
CA LEU B 273 10.52 33.25 0.70
C LEU B 273 11.83 33.63 1.37
N LYS B 274 12.13 32.93 2.46
CA LYS B 274 13.39 33.07 3.19
C LYS B 274 14.11 31.73 3.23
N ILE B 275 15.43 31.79 3.37
CA ILE B 275 16.22 30.58 3.55
C ILE B 275 15.86 29.96 4.89
N GLY B 276 15.34 28.73 4.84
CA GLY B 276 14.87 28.03 6.02
C GLY B 276 13.38 27.85 6.07
N ALA B 277 12.64 28.48 5.17
CA ALA B 277 11.18 28.38 5.17
C ALA B 277 10.72 26.97 4.79
N GLN B 278 9.61 26.55 5.38
CA GLN B 278 8.96 25.29 5.05
C GLN B 278 8.06 25.52 3.84
N VAL B 279 8.38 24.88 2.72
CA VAL B 279 7.68 25.11 1.47
C VAL B 279 7.03 23.81 1.00
N MET B 280 6.17 23.95 -0.02
CA MET B 280 5.39 22.84 -0.56
C MET B 280 5.49 22.86 -2.08
N LEU B 281 5.82 21.71 -2.66
CA LEU B 281 5.92 21.59 -4.11
C LEU B 281 4.55 21.35 -4.73
N LEU B 282 4.33 21.95 -5.90
CA LEU B 282 3.02 21.95 -6.56
C LEU B 282 3.06 21.26 -7.92
N ASN B 283 4.03 20.37 -8.14
CA ASN B 283 4.18 19.65 -9.39
C ASN B 283 4.59 18.21 -9.05
N ASN B 284 5.02 17.45 -10.06
CA ASN B 284 5.31 16.04 -9.86
C ASN B 284 6.57 15.68 -10.63
N ALA B 285 7.55 15.12 -9.91
CA ALA B 285 8.80 14.68 -10.48
C ALA B 285 8.61 13.40 -11.30
N PRO B 286 9.46 13.16 -12.31
CA PRO B 286 9.35 11.89 -13.04
C PRO B 286 9.58 10.69 -12.14
N ASP B 287 10.62 10.71 -11.32
CA ASP B 287 10.79 9.72 -10.26
C ASP B 287 9.84 10.04 -9.10
N ARG B 288 9.88 9.19 -8.07
CA ARG B 288 9.03 9.33 -6.90
C ARG B 288 9.63 10.28 -5.87
N MET B 289 10.59 11.11 -6.29
CA MET B 289 11.33 11.95 -5.35
C MET B 289 10.41 12.95 -4.65
N TRP B 290 9.62 13.71 -5.42
CA TRP B 290 8.65 14.61 -4.82
C TRP B 290 7.33 14.52 -5.56
N VAL B 291 6.24 14.65 -4.81
CA VAL B 291 4.89 14.61 -5.34
C VAL B 291 4.26 15.99 -5.11
N ASN B 292 3.06 16.17 -5.67
CA ASN B 292 2.30 17.40 -5.44
C ASN B 292 1.82 17.39 -4.00
N GLY B 293 2.46 18.18 -3.15
CA GLY B 293 2.16 18.24 -1.73
C GLY B 293 3.35 17.84 -0.90
N THR B 294 4.50 17.65 -1.54
CA THR B 294 5.72 17.31 -0.84
C THR B 294 6.24 18.53 -0.09
N ILE B 295 6.65 18.31 1.16
CA ILE B 295 7.09 19.40 2.04
C ILE B 295 8.61 19.40 2.07
N GLY B 296 9.20 20.58 1.87
CA GLY B 296 10.64 20.74 1.91
C GLY B 296 11.01 21.97 2.71
N THR B 297 12.32 22.18 2.82
CA THR B 297 12.87 23.32 3.54
C THR B 297 13.91 24.00 2.66
N ILE B 298 13.66 25.27 2.34
CA ILE B 298 14.57 26.01 1.46
C ILE B 298 15.95 26.09 2.10
N THR B 299 16.95 25.57 1.40
CA THR B 299 18.32 25.60 1.88
C THR B 299 19.15 26.70 1.22
N ASN B 300 18.75 27.18 0.05
CA ASN B 300 19.44 28.27 -0.63
C ASN B 300 18.56 28.80 -1.74
N ILE B 301 18.68 30.08 -2.03
CA ILE B 301 17.93 30.74 -3.10
C ILE B 301 18.92 31.42 -4.04
N PHE B 302 18.81 31.12 -5.33
CA PHE B 302 19.68 31.67 -6.36
C PHE B 302 18.87 32.50 -7.33
N PRO B 303 18.78 33.82 -7.14
CA PRO B 303 17.89 34.62 -7.99
C PRO B 303 18.37 34.76 -9.42
N ASP B 304 19.68 34.97 -9.63
CA ASP B 304 20.19 35.15 -10.99
C ASP B 304 19.97 33.89 -11.83
N GLU B 305 20.38 32.74 -11.30
CA GLU B 305 20.20 31.47 -12.00
C GLU B 305 18.74 31.02 -12.05
N MET B 306 17.87 31.64 -11.25
CA MET B 306 16.47 31.25 -11.13
C MET B 306 16.36 29.78 -10.70
N ILE B 307 16.98 29.48 -9.56
CA ILE B 307 16.99 28.15 -8.99
C ILE B 307 16.81 28.25 -7.48
N ILE B 308 15.84 27.54 -6.94
CA ILE B 308 15.61 27.46 -5.50
C ILE B 308 15.99 26.06 -5.04
N GLU B 309 16.93 25.99 -4.09
CA GLU B 309 17.36 24.72 -3.52
C GLU B 309 16.60 24.48 -2.21
N LEU B 310 16.11 23.25 -2.04
CA LEU B 310 15.43 22.88 -0.80
C LEU B 310 15.70 21.42 -0.49
N ALA B 311 15.82 21.11 0.80
CA ALA B 311 16.05 19.75 1.26
C ALA B 311 14.70 19.07 1.51
N LEU B 312 14.39 18.05 0.73
CA LEU B 312 13.16 17.29 0.90
C LEU B 312 13.14 16.60 2.26
N GLU B 313 11.97 16.07 2.62
CA GLU B 313 11.83 15.38 3.90
C GLU B 313 12.47 14.00 3.86
N ASN B 314 12.56 13.37 2.68
CA ASN B 314 13.27 12.10 2.56
C ASN B 314 14.78 12.25 2.58
N GLY B 315 15.29 13.47 2.69
CA GLY B 315 16.71 13.70 2.80
C GLY B 315 17.47 13.80 1.50
N ASN B 316 16.83 14.33 0.46
CA ASN B 316 17.47 14.52 -0.85
C ASN B 316 17.43 16.00 -1.21
N ILE B 317 18.59 16.57 -1.46
CA ILE B 317 18.68 17.96 -1.88
C ILE B 317 18.29 18.06 -3.35
N VAL B 318 17.31 18.91 -3.65
CA VAL B 318 16.78 19.06 -5.00
C VAL B 318 16.81 20.53 -5.40
N GLU B 319 16.96 20.76 -6.70
CA GLU B 319 16.99 22.11 -7.27
C GLU B 319 15.73 22.35 -8.08
N ILE B 320 15.02 23.44 -7.78
CA ILE B 320 13.74 23.76 -8.38
C ILE B 320 13.89 24.96 -9.29
N THR B 321 13.31 24.87 -10.48
CA THR B 321 13.28 25.93 -11.48
C THR B 321 11.84 26.31 -11.76
N PRO B 322 11.59 27.50 -12.33
CA PRO B 322 10.20 27.92 -12.55
C PRO B 322 9.42 26.96 -13.43
N PHE B 323 8.14 26.83 -13.13
CA PHE B 323 7.21 25.97 -13.84
C PHE B 323 6.22 26.82 -14.62
N LYS B 324 5.79 26.32 -15.78
CA LYS B 324 4.84 27.03 -16.63
C LYS B 324 3.48 26.35 -16.60
N TRP B 325 2.45 27.12 -16.30
CA TRP B 325 1.06 26.66 -16.36
C TRP B 325 0.37 27.25 -17.59
N ASP B 326 -0.39 26.41 -18.28
CA ASP B 326 -1.10 26.81 -19.49
C ASP B 326 -2.59 26.98 -19.20
N MET B 327 -3.19 27.99 -19.82
CA MET B 327 -4.63 28.27 -19.68
C MET B 327 -5.31 27.79 -20.97
N ILE B 328 -5.93 26.61 -20.90
CA ILE B 328 -6.54 25.97 -22.05
C ILE B 328 -7.94 26.55 -22.28
N LYS B 329 -8.31 26.75 -23.54
CA LYS B 329 -9.67 27.15 -23.91
C LYS B 329 -10.07 26.38 -25.16
N PHE B 330 -11.19 25.65 -25.06
CA PHE B 330 -11.66 24.79 -26.13
C PHE B 330 -12.45 25.58 -27.17
N THR B 331 -12.03 25.49 -28.44
CA THR B 331 -12.75 26.10 -29.55
C THR B 331 -12.91 25.11 -30.70
N TYR B 332 -14.06 25.14 -31.37
CA TYR B 332 -14.31 24.38 -32.60
C TYR B 332 -14.06 25.32 -33.77
N ASP B 333 -12.88 25.22 -34.36
CA ASP B 333 -12.58 26.15 -35.45
C ASP B 333 -12.16 25.49 -36.75
N LYS B 334 -11.44 24.37 -36.70
CA LYS B 334 -10.79 23.88 -37.89
C LYS B 334 -11.68 22.95 -38.69
N LYS B 335 -11.38 22.85 -39.99
CA LYS B 335 -12.12 22.00 -40.92
C LYS B 335 -11.64 20.55 -40.85
N GLU B 336 -11.73 19.97 -39.65
CA GLU B 336 -11.47 18.56 -39.44
C GLU B 336 -12.53 17.91 -38.56
N LYS B 337 -13.65 18.60 -38.33
CA LYS B 337 -14.76 18.07 -37.51
C LYS B 337 -14.28 17.73 -36.10
N LYS B 338 -13.50 18.64 -35.51
CA LYS B 338 -12.93 18.40 -34.20
C LYS B 338 -13.00 19.65 -33.34
N MET B 339 -12.84 19.45 -32.04
CA MET B 339 -12.80 20.50 -30.99
C MET B 339 -11.45 20.46 -30.28
N LEU B 340 -10.51 21.25 -30.79
CA LEU B 340 -9.14 21.22 -30.31
C LEU B 340 -8.91 22.28 -29.25
N SER B 341 -7.95 22.02 -28.38
CA SER B 341 -7.62 22.89 -27.26
C SER B 341 -6.37 23.69 -27.57
N GLU B 342 -6.29 24.91 -27.02
CA GLU B 342 -5.20 25.83 -27.32
C GLU B 342 -4.99 26.75 -26.14
N THR B 343 -3.73 27.08 -25.88
CA THR B 343 -3.38 27.93 -24.76
C THR B 343 -3.68 29.39 -25.09
N ILE B 344 -4.30 30.09 -24.13
CA ILE B 344 -4.57 31.52 -24.27
C ILE B 344 -3.70 32.37 -23.35
N GLY B 345 -3.05 31.77 -22.35
CA GLY B 345 -2.21 32.52 -21.43
C GLY B 345 -1.30 31.59 -20.67
N SER B 346 -0.19 32.15 -20.19
CA SER B 346 0.81 31.38 -19.48
C SER B 346 1.18 32.07 -18.17
N TYR B 347 1.30 31.27 -17.11
CA TYR B 347 1.77 31.74 -15.81
C TYR B 347 3.00 30.93 -15.45
N THR B 348 4.13 31.61 -15.25
CA THR B 348 5.39 30.95 -14.95
C THR B 348 5.90 31.43 -13.60
N GLN B 349 6.17 30.48 -12.71
CA GLN B 349 6.60 30.74 -11.35
C GLN B 349 7.05 29.42 -10.75
N PHE B 350 7.94 29.50 -9.76
CA PHE B 350 8.39 28.31 -9.06
C PHE B 350 7.20 27.56 -8.48
N PRO B 351 7.10 26.25 -8.70
CA PRO B 351 5.95 25.50 -8.18
C PRO B 351 6.05 25.30 -6.68
N LEU B 352 6.13 26.40 -5.94
CA LEU B 352 6.38 26.39 -4.52
C LEU B 352 5.35 27.27 -3.81
N LYS B 353 5.10 26.93 -2.55
CA LYS B 353 4.13 27.64 -1.72
C LYS B 353 4.49 27.40 -0.27
N LEU B 354 4.30 28.43 0.56
CA LEU B 354 4.58 28.29 1.98
C LEU B 354 3.74 27.17 2.57
N ALA B 355 4.38 26.25 3.29
CA ALA B 355 3.72 25.05 3.78
C ALA B 355 3.75 24.97 5.31
N TYR B 356 3.74 26.12 5.98
CA TYR B 356 3.53 26.10 7.42
C TYR B 356 2.07 25.83 7.77
N ALA B 357 1.15 26.19 6.88
CA ALA B 357 -0.26 25.89 7.05
C ALA B 357 -0.93 25.86 5.69
N ILE B 358 -2.08 25.18 5.63
CA ILE B 358 -2.92 25.14 4.44
C ILE B 358 -4.36 24.91 4.88
N THR B 359 -5.29 25.31 4.02
CA THR B 359 -6.70 25.06 4.25
C THR B 359 -7.13 23.79 3.53
N VAL B 360 -8.22 23.20 4.03
CA VAL B 360 -8.71 21.94 3.47
C VAL B 360 -9.13 22.12 2.02
N HIS B 361 -9.71 23.28 1.69
CA HIS B 361 -10.16 23.53 0.32
C HIS B 361 -8.97 23.62 -0.63
N LYS B 362 -7.94 24.38 -0.25
CA LYS B 362 -6.79 24.55 -1.11
C LYS B 362 -5.85 23.34 -1.09
N SER B 363 -6.03 22.41 -0.16
CA SER B 363 -5.22 21.21 -0.08
C SER B 363 -5.84 20.04 -0.83
N GLN B 364 -6.74 20.30 -1.77
CA GLN B 364 -7.39 19.23 -2.51
C GLN B 364 -6.37 18.43 -3.32
N GLY B 365 -6.53 17.11 -3.32
CA GLY B 365 -5.68 16.21 -4.08
C GLY B 365 -4.34 15.90 -3.46
N LYS B 366 -3.90 16.66 -2.46
CA LYS B 366 -2.58 16.46 -1.88
C LYS B 366 -2.67 15.56 -0.64
N THR B 367 -1.61 14.77 -0.43
CA THR B 367 -1.46 13.95 0.76
C THR B 367 -0.13 14.28 1.42
N PHE B 368 -0.16 14.52 2.73
CA PHE B 368 1.00 14.88 3.50
C PHE B 368 1.42 13.73 4.42
N HIS B 369 2.59 13.89 5.04
CA HIS B 369 3.15 12.89 5.94
C HIS B 369 2.87 13.17 7.40
N LYS B 370 2.97 14.43 7.83
CA LYS B 370 2.77 14.82 9.22
C LYS B 370 1.93 16.09 9.25
N VAL B 371 0.70 15.98 9.77
CA VAL B 371 -0.25 17.08 9.78
C VAL B 371 -0.69 17.38 11.21
N ILE B 372 -1.10 18.62 11.43
CA ILE B 372 -1.69 19.07 12.69
C ILE B 372 -3.06 19.63 12.35
N ILE B 373 -4.11 18.86 12.63
CA ILE B 373 -5.47 19.22 12.23
C ILE B 373 -6.10 20.11 13.29
N ASP B 374 -6.64 21.26 12.86
CA ASP B 374 -7.34 22.18 13.75
C ASP B 374 -8.76 21.70 13.93
N THR B 375 -8.99 20.92 14.98
CA THR B 375 -10.30 20.42 15.33
C THR B 375 -10.95 21.21 16.46
N SER B 376 -10.63 22.51 16.55
CA SER B 376 -11.21 23.36 17.59
C SER B 376 -12.65 23.71 17.30
N ARG B 377 -13.10 23.58 16.05
CA ARG B 377 -14.50 23.78 15.74
C ARG B 377 -15.37 22.78 16.50
N HIS B 378 -16.54 23.24 16.95
CA HIS B 378 -17.45 22.34 17.65
C HIS B 378 -17.95 21.24 16.71
N PHE B 379 -18.45 21.63 15.55
CA PHE B 379 -18.99 20.69 14.57
C PHE B 379 -18.23 20.82 13.25
N PHE B 380 -18.29 19.74 12.48
CA PHE B 380 -17.68 19.69 11.15
C PHE B 380 -18.78 19.55 10.11
N ALA B 381 -18.78 20.45 9.12
CA ALA B 381 -19.75 20.44 8.03
C ALA B 381 -19.78 19.06 7.38
N PRO B 382 -20.89 18.66 6.73
CA PRO B 382 -21.01 17.28 6.23
C PRO B 382 -19.83 16.82 5.38
N GLY B 383 -19.13 15.80 5.87
CA GLY B 383 -18.01 15.24 5.15
C GLY B 383 -16.72 15.99 5.28
N GLN B 384 -16.62 16.96 6.20
CA GLN B 384 -15.44 17.79 6.31
C GLN B 384 -14.38 17.19 7.22
N PHE B 385 -14.77 16.34 8.17
CA PHE B 385 -13.75 15.66 8.97
C PHE B 385 -13.03 14.59 8.16
N TYR B 386 -13.78 13.86 7.31
CA TYR B 386 -13.16 12.82 6.50
C TYR B 386 -12.14 13.38 5.54
N VAL B 387 -12.44 14.53 4.91
CA VAL B 387 -11.49 15.09 3.95
C VAL B 387 -10.24 15.60 4.65
N ALA B 388 -10.37 16.07 5.89
CA ALA B 388 -9.19 16.49 6.65
C ALA B 388 -8.26 15.32 6.94
N LEU B 389 -8.83 14.17 7.33
CA LEU B 389 -8.01 12.99 7.60
C LEU B 389 -7.43 12.39 6.31
N SER B 390 -8.14 12.56 5.19
CA SER B 390 -7.69 11.99 3.93
C SER B 390 -6.43 12.66 3.39
N ARG B 391 -6.04 13.80 3.97
CA ARG B 391 -4.82 14.50 3.56
C ARG B 391 -3.56 13.95 4.20
N CYS B 392 -3.65 12.87 4.99
CA CYS B 392 -2.48 12.28 5.63
C CYS B 392 -2.35 10.81 5.24
N THR B 393 -1.18 10.25 5.54
CA THR B 393 -0.86 8.87 5.17
C THR B 393 -0.81 7.90 6.34
N SER B 394 -0.67 8.39 7.58
CA SER B 394 -0.57 7.50 8.72
C SER B 394 -1.13 8.17 9.97
N LEU B 395 -1.57 7.35 10.92
CA LEU B 395 -2.06 7.87 12.19
C LEU B 395 -0.96 8.49 13.02
N ASP B 396 0.28 7.99 12.89
CA ASP B 396 1.38 8.54 13.67
C ASP B 396 1.78 9.93 13.21
N GLY B 397 1.47 10.30 11.97
CA GLY B 397 1.73 11.64 11.51
C GLY B 397 0.67 12.66 11.87
N ILE B 398 -0.52 12.20 12.26
CA ILE B 398 -1.64 13.09 12.54
C ILE B 398 -1.58 13.54 13.99
N ILE B 399 -1.79 14.84 14.21
CA ILE B 399 -1.94 15.41 15.54
C ILE B 399 -3.19 16.26 15.55
N LEU B 400 -4.09 16.00 16.51
CA LEU B 400 -5.32 16.77 16.66
C LEU B 400 -5.11 17.83 17.71
N THR B 401 -5.55 19.06 17.43
CA THR B 401 -5.43 20.13 18.41
C THR B 401 -6.42 19.95 19.56
N LYS B 402 -7.63 19.47 19.25
CA LYS B 402 -8.67 19.32 20.26
C LYS B 402 -9.36 17.97 20.09
N LYS B 403 -9.78 17.39 21.21
CA LYS B 403 -10.46 16.10 21.17
C LYS B 403 -11.84 16.23 20.56
N ILE B 404 -12.21 15.26 19.73
CA ILE B 404 -13.49 15.24 19.05
C ILE B 404 -14.39 14.18 19.68
N THR B 405 -15.68 14.24 19.33
CA THR B 405 -16.66 13.24 19.73
C THR B 405 -17.39 12.74 18.48
N LYS B 406 -18.14 11.66 18.66
CA LYS B 406 -18.96 11.15 17.56
C LYS B 406 -20.02 12.15 17.12
N ASN B 407 -20.40 13.08 18.00
CA ASN B 407 -21.34 14.13 17.64
C ASN B 407 -20.69 15.22 16.78
N SER B 408 -19.37 15.28 16.74
CA SER B 408 -18.69 16.23 15.87
C SER B 408 -18.87 15.87 14.40
N ILE B 409 -18.96 14.58 14.10
CA ILE B 409 -19.06 14.09 12.73
C ILE B 409 -20.54 13.94 12.39
N ILE B 410 -21.41 14.48 13.26
CA ILE B 410 -22.82 14.52 12.92
C ILE B 410 -23.04 15.49 11.77
N LEU B 411 -24.19 15.34 11.11
CA LEU B 411 -24.59 15.91 9.82
C LEU B 411 -23.89 15.20 8.67
N ASP B 412 -23.00 14.24 8.94
CA ASP B 412 -22.63 13.27 7.92
C ASP B 412 -23.78 12.30 7.65
N LYS B 413 -24.59 12.02 8.68
CA LYS B 413 -25.70 11.09 8.53
C LYS B 413 -26.65 11.51 7.42
N LYS B 414 -26.87 12.83 7.27
CA LYS B 414 -27.79 13.30 6.25
C LYS B 414 -27.30 12.96 4.86
N VAL B 415 -26.04 13.30 4.56
CA VAL B 415 -25.52 13.11 3.21
C VAL B 415 -25.28 11.63 2.91
N VAL B 416 -24.86 10.88 3.93
CA VAL B 416 -24.57 9.46 3.72
C VAL B 416 -25.80 8.70 3.25
N ASN B 417 -26.98 9.11 3.71
CA ASN B 417 -28.21 8.49 3.21
C ASN B 417 -28.47 8.84 1.75
N PHE B 418 -27.92 9.96 1.26
CA PHE B 418 -28.07 10.30 -0.14
C PHE B 418 -27.07 9.54 -1.02
N LEU B 419 -25.79 9.50 -0.61
CA LEU B 419 -24.76 8.90 -1.44
C LEU B 419 -24.96 7.39 -1.58
N THR B 420 -25.58 6.75 -0.59
CA THR B 420 -25.85 5.32 -0.70
C THR B 420 -26.96 5.01 -1.70
N ASN B 421 -27.80 6.01 -2.02
CA ASN B 421 -28.84 5.82 -3.02
C ASN B 421 -28.26 5.64 -4.43
N PHE B 422 -27.01 6.03 -4.65
CA PHE B 422 -26.39 5.91 -5.97
C PHE B 422 -26.04 4.45 -6.22
N GLN B 423 -26.95 3.75 -6.90
CA GLN B 423 -26.79 2.33 -7.21
C GLN B 423 -25.49 2.05 -7.95
PG ANP C . 3.50 -14.04 1.07
O1G ANP C . 2.55 -13.44 0.09
O2G ANP C . 3.36 -15.61 1.06
O3G ANP C . 4.98 -13.64 0.66
PB ANP C . 1.66 -13.68 3.16
O1B ANP C . 1.61 -14.91 4.00
O2B ANP C . 1.21 -12.47 4.02
N3B ANP C . 3.23 -13.43 2.64
PA ANP C . -0.86 -13.95 2.15
O1A ANP C . -1.43 -15.05 1.33
O2A ANP C . -1.10 -14.12 3.66
O3A ANP C . 0.70 -13.85 1.95
O5' ANP C . -1.44 -12.57 1.62
C5' ANP C . -1.27 -11.35 2.36
C4' ANP C . -2.63 -10.84 2.75
O4' ANP C . -3.13 -9.96 1.72
C3' ANP C . -3.69 -11.92 2.93
O3' ANP C . -3.74 -12.38 4.27
C2' ANP C . -4.98 -11.19 2.54
O2' ANP C . -5.50 -10.45 3.63
C1' ANP C . -4.48 -10.26 1.43
N9 ANP C . -4.55 -10.83 0.10
C8 ANP C . -3.61 -11.60 -0.53
N7 ANP C . -3.94 -11.97 -1.74
C5 ANP C . -5.19 -11.41 -1.93
C6 ANP C . -6.08 -11.43 -3.02
N6 ANP C . -5.84 -12.07 -4.16
N1 ANP C . -7.25 -10.76 -2.89
C2 ANP C . -7.49 -10.11 -1.74
N3 ANP C . -6.72 -10.02 -0.65
C4 ANP C . -5.58 -10.70 -0.81
#